data_7EVZ
#
_entry.id   7EVZ
#
_cell.length_a   1.00
_cell.length_b   1.00
_cell.length_c   1.00
_cell.angle_alpha   90.00
_cell.angle_beta   90.00
_cell.angle_gamma   90.00
#
_symmetry.space_group_name_H-M   'P 1'
#
loop_
_entity.id
_entity.type
_entity.pdbx_description
1 polymer 'Guanine nucleotide-binding protein G(i) subunit alpha-1'
2 polymer 'Guanine nucleotide-binding protein G(I)/G(S)/G(T) subunit beta-1'
3 polymer 'Guanine nucleotide-binding protein G(I)/G(S)/G(O) subunit gamma-2'
4 polymer 'Sphingosine 1-phosphate receptor 1'
5 polymer scFv16
6 non-polymer (2~{S})-3-[4-[5-(2-cyclopentyl-6-methoxy-pyridin-4-yl)-1,2,4-oxadiazol-3-yl]-2-ethyl-6-methyl-phenoxy]propane-1,2-diol
7 non-polymer 'PALMITIC ACID'
#
loop_
_entity_poly.entity_id
_entity_poly.type
_entity_poly.pdbx_seq_one_letter_code
_entity_poly.pdbx_strand_id
1 'polypeptide(L)'
;MGCTLSAEDKAAVERSKMIDRNLREDGEKAAREVKLLLLGAGESGKSTIVKQMKIIHEAGYSEEECKQYKAVVYSNTIQS
IIAIIRAMGRLKIDFGDSARADDARQLFVLAGAAEEGFMTAELAGVIKRLWKDSGVQACFNRSREYQLNDSAAYYLNDLD
RIAQPNYIPTQQDVLRTRVKTTGIVETHFTFKDLHFKMFDVGGQRSERKKWIHCFEGVTAIIFCVALSDYDLVLAEDEEM
NRMHESMKLFDSICNNKWFTDTSIILFLNKKDLFEEKIKKSPLTICYPEYAGSNTYEEAAAYIQCQFEDLNKRKDTKEIY
THFTCATDTKNVQFVFDAVTDVIIKNNLKDCGLF
;
A
2 'polypeptide(L)'
;MHHHHLEVLFQGPGSSGSELDQLRQEAEQLKNQIRDARKACADATLSQITNNIDPVGRIQMRTRRTLRGHLAKIYAMHWG
TDSRLLVSASQDGKLIIWDSYTTNKVHAIPLRSSWVMTCAYAPSGNYVACGGLDNICSIYNLKTREGNVRVSRELAGHTG
YLSCCRFLDDNQIVTSSGDTTCALWDIETGQQTTTFTGHTGDVMSLSLAPDTRLFVSGACDASAKLWDVREGMCRQTFTG
HESDINAICFFPNGNAFATGSDDATCRLFDLRADQELMTYSHDNIICGITSVSFSKSGRLLLAGYDDFNCNVWDALKADR
AGVLAGHDNRVSCLGVTDDGMAVATGSWDSFLKIWN
;
B
3 'polypeptide(L)' MASNNTASIAQARKLVEQLKMEANIDRIKVSKAAADLMAYCEAHAKEDPLLTPVPASENPFREKKFFCAIL C
4 'polypeptide(L)'
;MKTIIALSYIFCLVFADYKDDDDANIFEMLRIDEGLRLKIYKNTEGYYTIGIGHLLTKSPSLNAAKSELDKAIGRNTNGV
ITKDEAEKLFNQDVDAAVRGILRNAKLKPVYDSLDAVRRAALINMVFQMGETGVAGFTNSLRMLQQKRWDEAAVNLAKSR
WYNQTPNRAKRVITTFRTGTWDAYMGPTSVPLVKAHRSSVSDYVNYDIIVRHYNYTGKLNISADKENSIKLTSVVFILIC
CFIILENIFVLLTIWKTKKFHRPMYYFIGNLALSDLLAGVAYTANLLLSGATTYKLTPAQWFLREGSMFVALSASVFSLL
AIAIERYITMLKMKLHNGSNNFRLFLLISACWVISLILGGLPIMGWNCISALSSCSTVLPLYHKHYILFCTTVFTLLLLS
IVILYCRIYSLVRTRSRRLTFRKNISKASRSSEKSLALLKTVIIVLSVFIACWAPLFILLLLDVGCKVKTCDILFRAEYF
LVLAVLNSGTNPIIYTLTNKEMRRAFIRIMSCCKCPSGDSAHHHHHHHHHH
;
D
5 'polypeptide(L)'
;DVQLVESGGGLVQPGGSRKLSCSASGFAFSSFGMHWVRQAPEKGLEWVAYISSGSGTIYYADTVKGRFTISRDDPKNTLF
LQMTSLRSEDTAMYYCVRSIYYYGSSPFDFWGQGTTLTVSSGGGGSGGGGSGGGGSDIVMTQATSSVPVTPGESVSISCR
SSKSLLHSNGNTYLYWFLQRPGQSPQLLIYRMSNLASGVPDRFSGSGSGTAFTLTISRLEAEDVGVYYCMQHLEYPLTFG
AGTKLELKAAAENLYFQGHHHHHHHH
;
E
#
loop_
_chem_comp.id
_chem_comp.type
_chem_comp.name
_chem_comp.formula
JER non-polymer (2~{S})-3-[4-[5-(2-cyclopentyl-6-methoxy-pyridin-4-yl)-1,2,4-oxadiazol-3-yl]-2-ethyl-6-methyl-phenoxy]propane-1,2-diol 'C25 H31 N3 O5'
PLM non-polymer 'PALMITIC ACID' 'C16 H32 O2'
#
# COMPACT_ATOMS: atom_id res chain seq x y z
N CYS A 3 12.62 20.09 -16.88
CA CYS A 3 12.92 21.38 -16.25
C CYS A 3 14.24 21.33 -15.50
N THR A 4 14.17 21.35 -14.16
CA THR A 4 15.38 21.30 -13.35
C THR A 4 16.04 19.93 -13.37
N LEU A 5 15.33 18.89 -13.82
CA LEU A 5 15.90 17.56 -13.88
C LEU A 5 16.96 17.48 -14.98
N SER A 6 17.99 16.69 -14.74
CA SER A 6 19.08 16.53 -15.69
C SER A 6 18.65 15.57 -16.79
N ALA A 7 19.60 15.16 -17.63
CA ALA A 7 19.28 14.29 -18.77
C ALA A 7 18.87 12.90 -18.31
N GLU A 8 19.76 12.21 -17.59
CA GLU A 8 19.47 10.86 -17.16
C GLU A 8 18.58 10.79 -15.93
N ASP A 9 18.33 11.91 -15.26
CA ASP A 9 17.37 11.92 -14.17
C ASP A 9 15.95 11.76 -14.68
N LYS A 10 15.65 12.40 -15.82
CA LYS A 10 14.33 12.24 -16.44
C LYS A 10 14.08 10.79 -16.86
N ALA A 11 15.14 10.04 -17.16
CA ALA A 11 14.99 8.64 -17.50
C ALA A 11 14.69 7.80 -16.27
N ALA A 12 15.23 8.16 -15.11
CA ALA A 12 14.92 7.44 -13.88
C ALA A 12 13.49 7.68 -13.44
N VAL A 13 12.92 8.84 -13.75
CA VAL A 13 11.52 9.11 -13.43
C VAL A 13 10.60 8.27 -14.32
N GLU A 14 10.99 8.05 -15.58
CA GLU A 14 10.19 7.22 -16.46
C GLU A 14 10.18 5.76 -16.00
N ARG A 15 11.26 5.31 -15.36
CA ARG A 15 11.30 3.96 -14.83
C ARG A 15 10.31 3.80 -13.68
N SER A 16 10.20 4.82 -12.82
CA SER A 16 9.24 4.76 -11.72
C SER A 16 7.82 4.70 -12.23
N LYS A 17 7.52 5.42 -13.31
CA LYS A 17 6.17 5.37 -13.87
C LYS A 17 5.85 3.99 -14.44
N MET A 18 6.83 3.36 -15.10
CA MET A 18 6.61 2.01 -15.61
C MET A 18 6.44 1.01 -14.47
N ILE A 19 7.21 1.17 -13.40
CA ILE A 19 7.06 0.30 -12.24
C ILE A 19 5.68 0.46 -11.62
N ASP A 20 5.21 1.70 -11.50
CA ASP A 20 3.89 1.95 -10.93
C ASP A 20 2.80 1.38 -11.84
N ARG A 21 2.98 1.47 -13.16
CA ARG A 21 2.00 0.91 -14.08
C ARG A 21 1.97 -0.61 -13.97
N ASN A 22 3.12 -1.24 -13.84
CA ASN A 22 3.16 -2.70 -13.67
C ASN A 22 2.54 -3.12 -12.35
N LEU A 23 2.71 -2.30 -11.31
CA LEU A 23 2.07 -2.59 -10.03
C LEU A 23 0.55 -2.46 -10.12
N ARG A 24 0.07 -1.41 -10.78
CA ARG A 24 -1.37 -1.22 -10.91
C ARG A 24 -1.99 -2.27 -11.81
N GLU A 25 -1.25 -2.78 -12.80
CA GLU A 25 -1.78 -3.82 -13.67
C GLU A 25 -1.95 -5.14 -12.91
N ASP A 26 -0.94 -5.52 -12.12
CA ASP A 26 -1.05 -6.73 -11.31
C ASP A 26 -1.96 -6.56 -10.10
N GLY A 27 -2.20 -5.32 -9.67
CA GLY A 27 -3.09 -5.10 -8.55
C GLY A 27 -4.56 -5.30 -8.92
N GLU A 28 -4.90 -5.11 -10.19
CA GLU A 28 -6.26 -5.33 -10.66
C GLU A 28 -6.52 -6.78 -11.06
N LYS A 29 -5.48 -7.61 -11.12
CA LYS A 29 -5.65 -9.03 -11.41
C LYS A 29 -5.84 -9.85 -10.14
N ALA A 30 -5.12 -9.51 -9.07
CA ALA A 30 -5.27 -10.21 -7.80
C ALA A 30 -6.45 -9.70 -6.98
N ALA A 31 -7.09 -8.62 -7.41
CA ALA A 31 -8.26 -8.09 -6.72
C ALA A 31 -9.58 -8.62 -7.30
N ARG A 32 -9.51 -9.46 -8.31
CA ARG A 32 -10.71 -10.05 -8.92
C ARG A 32 -10.80 -11.55 -8.65
N GLU A 33 -10.04 -12.06 -7.69
CA GLU A 33 -10.08 -13.46 -7.31
C GLU A 33 -10.51 -13.57 -5.85
N VAL A 34 -11.27 -14.62 -5.55
CA VAL A 34 -11.83 -14.81 -4.22
C VAL A 34 -10.84 -15.54 -3.35
N LYS A 35 -10.50 -14.94 -2.20
CA LYS A 35 -9.64 -15.57 -1.21
C LYS A 35 -10.49 -16.03 -0.04
N LEU A 36 -10.33 -17.29 0.34
CA LEU A 36 -11.10 -17.86 1.44
C LEU A 36 -10.22 -18.80 2.26
N LEU A 37 -10.26 -18.64 3.57
CA LEU A 37 -9.43 -19.38 4.50
C LEU A 37 -10.10 -20.69 4.90
N LEU A 38 -9.29 -21.71 5.14
CA LEU A 38 -9.76 -23.02 5.56
C LEU A 38 -9.23 -23.33 6.95
N LEU A 39 -10.12 -23.69 7.86
CA LEU A 39 -9.75 -24.02 9.23
C LEU A 39 -10.39 -25.35 9.61
N GLY A 40 -10.01 -25.84 10.77
CA GLY A 40 -10.56 -27.10 11.27
C GLY A 40 -9.68 -27.67 12.35
N ALA A 41 -10.16 -28.79 12.90
CA ALA A 41 -9.45 -29.51 13.96
C ALA A 41 -8.39 -30.41 13.34
N GLY A 42 -7.79 -31.28 14.15
CA GLY A 42 -6.77 -32.17 13.65
C GLY A 42 -7.33 -33.26 12.75
N GLU A 43 -8.34 -33.99 13.24
CA GLU A 43 -8.97 -35.07 12.50
C GLU A 43 -10.32 -34.66 11.94
N SER A 44 -10.44 -33.41 11.48
CA SER A 44 -11.69 -32.88 10.94
C SER A 44 -11.85 -33.18 9.46
N GLY A 45 -10.97 -33.98 8.87
CA GLY A 45 -11.09 -34.34 7.47
C GLY A 45 -10.87 -33.20 6.50
N LYS A 46 -9.96 -32.28 6.82
CA LYS A 46 -9.66 -31.20 5.89
C LYS A 46 -9.00 -31.74 4.63
N SER A 47 -8.20 -32.79 4.75
CA SER A 47 -7.53 -33.38 3.60
C SER A 47 -8.55 -33.92 2.59
N THR A 48 -9.57 -34.64 3.08
CA THR A 48 -10.58 -35.17 2.18
C THR A 48 -11.36 -34.05 1.50
N ILE A 49 -11.64 -32.97 2.21
CA ILE A 49 -12.36 -31.85 1.63
C ILE A 49 -11.53 -31.18 0.55
N VAL A 50 -10.24 -30.94 0.82
CA VAL A 50 -9.40 -30.28 -0.16
C VAL A 50 -9.05 -31.20 -1.32
N LYS A 51 -9.18 -32.52 -1.14
CA LYS A 51 -8.88 -33.47 -2.19
C LYS A 51 -10.06 -33.74 -3.11
N GLN A 52 -11.28 -33.79 -2.54
CA GLN A 52 -12.46 -34.07 -3.36
C GLN A 52 -12.74 -32.94 -4.34
N MET A 53 -12.37 -31.72 -4.00
CA MET A 53 -12.54 -30.61 -4.92
C MET A 53 -11.52 -30.70 -6.06
N LYS A 54 -11.84 -30.03 -7.17
CA LYS A 54 -10.94 -30.01 -8.31
C LYS A 54 -9.69 -29.21 -7.97
N ILE A 55 -8.55 -29.66 -8.49
CA ILE A 55 -7.27 -29.02 -8.23
C ILE A 55 -6.71 -28.49 -9.55
N ILE A 56 -6.15 -27.28 -9.50
CA ILE A 56 -5.53 -26.65 -10.65
C ILE A 56 -4.06 -26.41 -10.32
N HIS A 57 -3.77 -26.21 -9.03
CA HIS A 57 -2.41 -25.94 -8.57
C HIS A 57 -1.56 -27.20 -8.65
N THR A 182 4.30 -28.13 5.71
CA THR A 182 5.30 -27.16 6.10
C THR A 182 4.83 -25.74 5.83
N GLY A 183 4.32 -25.07 6.86
CA GLY A 183 3.83 -23.72 6.72
C GLY A 183 2.49 -23.66 6.01
N ILE A 184 2.16 -22.47 5.52
CA ILE A 184 0.88 -22.26 4.84
C ILE A 184 0.94 -22.91 3.46
N VAL A 185 -0.16 -23.56 3.07
CA VAL A 185 -0.27 -24.23 1.78
C VAL A 185 -1.42 -23.59 1.03
N GLU A 186 -1.13 -23.07 -0.16
CA GLU A 186 -2.12 -22.38 -0.99
C GLU A 186 -2.61 -23.32 -2.09
N THR A 187 -3.91 -23.32 -2.33
CA THR A 187 -4.53 -24.14 -3.37
C THR A 187 -5.38 -23.25 -4.26
N HIS A 188 -5.16 -23.36 -5.58
CA HIS A 188 -5.88 -22.57 -6.56
C HIS A 188 -6.78 -23.47 -7.39
N PHE A 189 -8.02 -23.01 -7.61
CA PHE A 189 -8.94 -23.71 -8.48
C PHE A 189 -9.96 -22.72 -9.02
N THR A 190 -10.55 -23.06 -10.16
CA THR A 190 -11.51 -22.21 -10.84
C THR A 190 -12.85 -22.94 -10.99
N PHE A 191 -13.92 -22.16 -10.98
CA PHE A 191 -15.26 -22.73 -11.14
C PHE A 191 -16.20 -21.61 -11.58
N LYS A 192 -16.85 -21.77 -12.72
CA LYS A 192 -17.82 -20.82 -13.25
C LYS A 192 -17.19 -19.43 -13.40
N ASP A 193 -15.99 -19.40 -13.97
CA ASP A 193 -15.27 -18.15 -14.23
C ASP A 193 -15.02 -17.36 -12.94
N LEU A 194 -14.54 -18.06 -11.91
CA LEU A 194 -14.14 -17.43 -10.67
C LEU A 194 -12.90 -18.14 -10.14
N HIS A 195 -11.91 -17.36 -9.72
CA HIS A 195 -10.64 -17.89 -9.23
C HIS A 195 -10.66 -17.90 -7.71
N PHE A 196 -10.63 -19.09 -7.12
CA PHE A 196 -10.65 -19.25 -5.68
C PHE A 196 -9.25 -19.59 -5.18
N LYS A 197 -8.92 -19.12 -3.98
CA LYS A 197 -7.67 -19.42 -3.32
C LYS A 197 -7.95 -20.03 -1.95
N MET A 198 -7.29 -21.13 -1.64
CA MET A 198 -7.53 -21.88 -0.41
C MET A 198 -6.26 -21.87 0.43
N PHE A 199 -6.30 -21.17 1.57
CA PHE A 199 -5.18 -21.10 2.50
C PHE A 199 -5.40 -22.12 3.60
N ASP A 200 -4.48 -23.08 3.71
CA ASP A 200 -4.58 -24.16 4.70
C ASP A 200 -3.48 -23.93 5.74
N VAL A 201 -3.80 -23.17 6.78
CA VAL A 201 -2.84 -22.90 7.87
C VAL A 201 -3.03 -24.02 8.88
N GLY A 202 -2.33 -25.13 8.64
CA GLY A 202 -2.41 -26.28 9.52
C GLY A 202 -1.06 -26.67 10.09
N GLY A 203 0.01 -26.30 9.40
CA GLY A 203 1.35 -26.57 9.84
C GLY A 203 1.95 -25.51 10.75
N GLN A 204 1.16 -24.52 11.16
CA GLN A 204 1.63 -23.45 12.03
C GLN A 204 1.34 -23.85 13.47
N ARG A 205 2.35 -24.38 14.16
CA ARG A 205 2.23 -24.78 15.55
C ARG A 205 2.43 -23.62 16.53
N SER A 206 2.67 -22.41 16.03
CA SER A 206 2.87 -21.25 16.87
C SER A 206 1.53 -20.75 17.40
N GLU A 207 1.57 -19.63 18.11
CA GLU A 207 0.35 -19.03 18.65
C GLU A 207 -0.48 -18.43 17.52
N ARG A 208 -1.77 -18.79 17.49
CA ARG A 208 -2.65 -18.29 16.44
C ARG A 208 -2.95 -16.81 16.59
N LYS A 209 -2.81 -16.26 17.80
CA LYS A 209 -3.13 -14.86 18.03
C LYS A 209 -2.17 -13.91 17.32
N LYS A 210 -0.99 -14.39 16.94
CA LYS A 210 0.02 -13.48 16.40
C LYS A 210 -0.12 -13.31 14.89
N TRP A 211 -0.45 -14.37 14.16
CA TRP A 211 -0.53 -14.31 12.71
C TRP A 211 -1.97 -14.35 12.20
N ILE A 212 -2.94 -13.96 13.03
CA ILE A 212 -4.35 -13.99 12.62
C ILE A 212 -4.81 -12.66 12.05
N HIS A 213 -4.05 -11.58 12.23
CA HIS A 213 -4.47 -10.28 11.75
C HIS A 213 -4.14 -10.04 10.28
N CYS A 214 -3.28 -10.88 9.69
CA CYS A 214 -3.01 -10.75 8.25
C CYS A 214 -4.11 -11.36 7.39
N PHE A 215 -5.00 -12.16 7.98
CA PHE A 215 -6.15 -12.70 7.28
C PHE A 215 -7.41 -11.86 7.50
N GLU A 216 -7.25 -10.57 7.82
CA GLU A 216 -8.41 -9.72 8.06
C GLU A 216 -9.25 -9.55 6.80
N GLY A 217 -8.60 -9.33 5.66
CA GLY A 217 -9.32 -9.22 4.41
C GLY A 217 -9.49 -10.57 3.74
N VAL A 218 -10.66 -11.17 3.91
CA VAL A 218 -10.95 -12.48 3.37
C VAL A 218 -12.46 -12.57 3.11
N THR A 219 -12.84 -13.35 2.10
CA THR A 219 -14.23 -13.41 1.70
C THR A 219 -15.04 -14.36 2.58
N ALA A 220 -14.51 -15.55 2.83
CA ALA A 220 -15.22 -16.54 3.64
C ALA A 220 -14.19 -17.31 4.46
N ILE A 221 -14.69 -18.12 5.38
CA ILE A 221 -13.87 -18.94 6.27
C ILE A 221 -14.47 -20.34 6.28
N ILE A 222 -13.92 -21.24 5.48
CA ILE A 222 -14.39 -22.62 5.49
C ILE A 222 -14.07 -23.27 6.82
N PHE A 223 -15.03 -24.01 7.38
CA PHE A 223 -14.87 -24.70 8.64
C PHE A 223 -15.22 -26.17 8.45
N CYS A 224 -14.40 -27.04 9.02
CA CYS A 224 -14.58 -28.49 8.90
C CYS A 224 -14.73 -29.10 10.28
N VAL A 225 -15.83 -29.81 10.50
CA VAL A 225 -16.07 -30.52 11.75
C VAL A 225 -16.64 -31.89 11.39
N ALA A 226 -16.33 -32.89 12.21
CA ALA A 226 -16.72 -34.26 11.95
C ALA A 226 -17.87 -34.65 12.86
N LEU A 227 -18.96 -35.15 12.27
CA LEU A 227 -20.11 -35.60 13.06
C LEU A 227 -19.79 -36.89 13.82
N SER A 228 -19.08 -37.82 13.17
CA SER A 228 -18.73 -39.08 13.81
C SER A 228 -17.68 -38.91 14.90
N ASP A 229 -17.11 -37.71 15.05
CA ASP A 229 -16.09 -37.45 16.06
C ASP A 229 -16.75 -36.86 17.31
N TYR A 230 -17.60 -37.67 17.93
CA TYR A 230 -18.26 -37.29 19.18
C TYR A 230 -18.24 -38.39 20.24
N ASP A 231 -17.84 -39.61 19.89
CA ASP A 231 -17.62 -40.68 20.85
C ASP A 231 -16.15 -41.01 21.02
N LEU A 232 -15.26 -40.25 20.39
CA LEU A 232 -13.82 -40.48 20.46
C LEU A 232 -13.18 -39.33 21.24
N VAL A 233 -12.55 -39.66 22.36
CA VAL A 233 -11.96 -38.66 23.25
C VAL A 233 -10.61 -38.22 22.71
N LEU A 234 -10.08 -37.14 23.27
CA LEU A 234 -8.78 -36.61 22.85
C LEU A 234 -7.67 -37.61 23.15
N ALA A 235 -6.53 -37.41 22.48
CA ALA A 235 -5.34 -38.18 22.78
C ALA A 235 -4.80 -37.80 24.15
N GLU A 236 -4.05 -38.74 24.76
CA GLU A 236 -3.47 -38.62 26.09
C GLU A 236 -4.42 -37.96 27.08
N ASP A 237 -5.71 -38.25 26.94
CA ASP A 237 -6.75 -37.65 27.78
C ASP A 237 -7.96 -38.57 27.79
N GLU A 238 -8.76 -38.43 28.85
CA GLU A 238 -9.96 -39.26 29.02
C GLU A 238 -11.21 -38.48 29.38
N GLU A 239 -11.09 -37.27 29.92
CA GLU A 239 -12.26 -36.49 30.31
C GLU A 239 -12.58 -35.35 29.36
N MET A 240 -11.76 -35.12 28.34
CA MET A 240 -11.99 -34.06 27.37
C MET A 240 -12.45 -34.67 26.05
N ASN A 241 -13.56 -34.18 25.53
CA ASN A 241 -14.12 -34.65 24.27
C ASN A 241 -13.68 -33.75 23.13
N ARG A 242 -13.38 -34.35 21.98
CA ARG A 242 -12.90 -33.58 20.85
C ARG A 242 -14.01 -32.73 20.23
N MET A 243 -15.25 -33.17 20.34
CA MET A 243 -16.36 -32.36 19.83
C MET A 243 -16.47 -31.04 20.58
N HIS A 244 -16.30 -31.08 21.90
CA HIS A 244 -16.30 -29.85 22.69
C HIS A 244 -15.10 -28.97 22.32
N GLU A 245 -13.96 -29.57 21.99
CA GLU A 245 -12.81 -28.78 21.54
C GLU A 245 -13.12 -28.09 20.23
N SER A 246 -13.76 -28.79 19.30
CA SER A 246 -14.13 -28.18 18.03
C SER A 246 -15.15 -27.07 18.24
N MET A 247 -16.10 -27.27 19.15
CA MET A 247 -17.07 -26.22 19.45
C MET A 247 -16.38 -24.99 20.04
N LYS A 248 -15.42 -25.21 20.94
CA LYS A 248 -14.68 -24.09 21.53
C LYS A 248 -13.87 -23.36 20.48
N LEU A 249 -13.24 -24.09 19.56
CA LEU A 249 -12.47 -23.44 18.51
C LEU A 249 -13.37 -22.63 17.59
N PHE A 250 -14.54 -23.17 17.27
CA PHE A 250 -15.50 -22.42 16.44
C PHE A 250 -15.99 -21.17 17.16
N ASP A 251 -16.23 -21.28 18.48
CA ASP A 251 -16.65 -20.12 19.25
C ASP A 251 -15.57 -19.06 19.29
N SER A 252 -14.30 -19.47 19.37
CA SER A 252 -13.21 -18.51 19.40
C SER A 252 -12.98 -17.88 18.02
N ILE A 253 -13.22 -18.63 16.95
CA ILE A 253 -12.99 -18.10 15.61
C ILE A 253 -14.13 -17.18 15.17
N CYS A 254 -15.38 -17.58 15.43
CA CYS A 254 -16.51 -16.79 14.97
C CYS A 254 -16.64 -15.46 15.71
N ASN A 255 -16.27 -15.43 16.99
CA ASN A 255 -16.39 -14.22 17.81
C ASN A 255 -15.08 -13.44 17.89
N ASN A 256 -14.14 -13.70 16.99
CA ASN A 256 -12.89 -12.96 16.99
C ASN A 256 -13.12 -11.51 16.56
N LYS A 257 -12.23 -10.63 17.02
CA LYS A 257 -12.39 -9.21 16.74
C LYS A 257 -11.99 -8.82 15.32
N TRP A 258 -11.28 -9.70 14.61
CA TRP A 258 -10.92 -9.42 13.23
C TRP A 258 -11.96 -9.94 12.24
N PHE A 259 -12.52 -11.12 12.52
CA PHE A 259 -13.51 -11.74 11.64
C PHE A 259 -14.93 -11.38 12.11
N THR A 260 -15.22 -10.08 12.07
CA THR A 260 -16.52 -9.58 12.50
C THR A 260 -17.49 -9.34 11.36
N ASP A 261 -16.99 -9.24 10.12
CA ASP A 261 -17.83 -9.06 8.95
C ASP A 261 -17.75 -10.20 7.94
N THR A 262 -16.81 -11.12 8.10
CA THR A 262 -16.60 -12.20 7.15
C THR A 262 -17.50 -13.38 7.52
N SER A 263 -18.32 -13.83 6.58
CA SER A 263 -19.20 -14.96 6.82
C SER A 263 -18.38 -16.24 7.01
N ILE A 264 -19.05 -17.29 7.46
CA ILE A 264 -18.41 -18.57 7.74
C ILE A 264 -19.20 -19.67 7.04
N ILE A 265 -18.50 -20.47 6.25
CA ILE A 265 -19.07 -21.65 5.60
C ILE A 265 -18.69 -22.86 6.42
N LEU A 266 -19.69 -23.60 6.90
CA LEU A 266 -19.48 -24.72 7.81
C LEU A 266 -19.77 -26.02 7.07
N PHE A 267 -18.88 -27.01 7.24
CA PHE A 267 -18.99 -28.29 6.56
C PHE A 267 -19.04 -29.40 7.59
N LEU A 268 -20.06 -30.25 7.50
CA LEU A 268 -20.15 -31.46 8.31
C LEU A 268 -19.57 -32.59 7.46
N ASN A 269 -18.38 -33.06 7.82
CA ASN A 269 -17.62 -33.92 6.91
C ASN A 269 -18.24 -35.30 6.78
N LYS A 270 -18.30 -36.05 7.89
CA LYS A 270 -18.73 -37.44 7.85
C LYS A 270 -20.19 -37.54 8.27
N LYS A 271 -21.00 -38.22 7.45
CA LYS A 271 -22.41 -38.44 7.76
C LYS A 271 -22.79 -39.91 7.75
N ASP A 272 -22.23 -40.71 6.85
CA ASP A 272 -22.54 -42.14 6.85
C ASP A 272 -21.89 -42.84 8.04
N LEU A 273 -20.64 -42.50 8.35
CA LEU A 273 -20.01 -43.03 9.56
C LEU A 273 -20.76 -42.56 10.80
N PHE A 274 -21.27 -41.32 10.77
CA PHE A 274 -22.07 -40.84 11.88
C PHE A 274 -23.36 -41.63 12.02
N GLU A 275 -23.97 -41.99 10.89
CA GLU A 275 -25.15 -42.86 10.91
C GLU A 275 -24.83 -44.19 11.56
N GLU A 276 -23.75 -44.85 11.11
CA GLU A 276 -23.41 -46.16 11.64
C GLU A 276 -22.99 -46.08 13.11
N LYS A 277 -22.48 -44.93 13.56
CA LYS A 277 -22.06 -44.80 14.95
C LYS A 277 -23.24 -44.47 15.85
N ILE A 278 -24.20 -43.69 15.37
CA ILE A 278 -25.34 -43.31 16.20
C ILE A 278 -26.45 -44.35 16.17
N LYS A 279 -26.43 -45.27 15.19
CA LYS A 279 -27.43 -46.32 15.18
C LYS A 279 -27.26 -47.27 16.36
N LYS A 280 -26.05 -47.40 16.88
CA LYS A 280 -25.78 -48.28 18.00
C LYS A 280 -25.42 -47.55 19.29
N SER A 281 -24.71 -46.42 19.20
CA SER A 281 -24.33 -45.66 20.38
C SER A 281 -25.21 -44.43 20.51
N PRO A 282 -25.76 -44.18 21.69
CA PRO A 282 -26.62 -43.00 21.87
C PRO A 282 -25.83 -41.71 21.83
N LEU A 283 -26.51 -40.63 21.45
CA LEU A 283 -25.90 -39.31 21.39
C LEU A 283 -25.75 -38.68 22.76
N THR A 284 -26.48 -39.17 23.77
CA THR A 284 -26.41 -38.61 25.12
C THR A 284 -25.02 -38.73 25.74
N ILE A 285 -24.11 -39.51 25.13
CA ILE A 285 -22.77 -39.62 25.67
C ILE A 285 -22.03 -38.28 25.59
N CYS A 286 -22.13 -37.61 24.45
CA CYS A 286 -21.49 -36.32 24.25
C CYS A 286 -22.35 -35.18 24.76
N TYR A 287 -23.60 -35.10 24.30
CA TYR A 287 -24.51 -34.06 24.72
C TYR A 287 -25.43 -34.60 25.80
N PRO A 288 -25.27 -34.20 27.06
CA PRO A 288 -26.14 -34.75 28.12
C PRO A 288 -27.57 -34.24 28.07
N GLU A 289 -27.88 -33.23 27.27
CA GLU A 289 -29.24 -32.73 27.11
C GLU A 289 -29.73 -33.12 25.72
N TYR A 290 -30.66 -34.08 25.67
CA TYR A 290 -31.21 -34.56 24.41
C TYR A 290 -32.48 -35.32 24.70
N ALA A 291 -33.59 -34.90 24.09
CA ALA A 291 -34.89 -35.54 24.30
C ALA A 291 -35.38 -36.34 23.11
N GLY A 292 -34.86 -36.08 21.91
CA GLY A 292 -35.30 -36.79 20.73
C GLY A 292 -34.83 -38.22 20.70
N SER A 293 -35.26 -38.93 19.66
CA SER A 293 -34.87 -40.32 19.47
C SER A 293 -33.45 -40.42 18.93
N ASN A 294 -32.95 -41.65 18.83
CA ASN A 294 -31.60 -41.90 18.36
C ASN A 294 -31.58 -42.12 16.85
N THR A 295 -32.10 -41.13 16.14
CA THR A 295 -32.11 -41.13 14.69
C THR A 295 -31.29 -39.95 14.17
N TYR A 296 -30.82 -40.08 12.93
CA TYR A 296 -29.92 -39.09 12.35
C TYR A 296 -30.67 -37.84 11.89
N GLU A 297 -31.93 -38.00 11.46
CA GLU A 297 -32.66 -36.88 10.87
C GLU A 297 -32.76 -35.70 11.82
N GLU A 298 -33.03 -35.96 13.10
CA GLU A 298 -33.09 -34.88 14.09
C GLU A 298 -31.75 -34.63 14.77
N ALA A 299 -30.87 -35.63 14.83
CA ALA A 299 -29.56 -35.42 15.44
C ALA A 299 -28.71 -34.45 14.62
N ALA A 300 -28.78 -34.55 13.29
CA ALA A 300 -28.05 -33.62 12.45
C ALA A 300 -28.55 -32.20 12.65
N ALA A 301 -29.87 -32.02 12.73
CA ALA A 301 -30.44 -30.70 12.97
C ALA A 301 -30.05 -30.17 14.35
N TYR A 302 -29.97 -31.06 15.35
CA TYR A 302 -29.56 -30.65 16.68
C TYR A 302 -28.11 -30.16 16.68
N ILE A 303 -27.22 -30.91 16.02
CA ILE A 303 -25.83 -30.50 15.95
C ILE A 303 -25.69 -29.18 15.19
N GLN A 304 -26.43 -29.03 14.11
CA GLN A 304 -26.38 -27.78 13.35
C GLN A 304 -26.86 -26.60 14.18
N CYS A 305 -27.98 -26.77 14.89
CA CYS A 305 -28.49 -25.68 15.72
C CYS A 305 -27.55 -25.37 16.88
N GLN A 306 -26.87 -26.39 17.41
CA GLN A 306 -25.90 -26.14 18.48
C GLN A 306 -24.70 -25.37 17.94
N PHE A 307 -24.29 -25.63 16.70
CA PHE A 307 -23.20 -24.87 16.10
C PHE A 307 -23.65 -23.48 15.67
N GLU A 308 -24.95 -23.27 15.45
CA GLU A 308 -25.44 -21.95 15.09
C GLU A 308 -25.50 -21.01 16.28
N ASP A 309 -25.76 -21.53 17.48
CA ASP A 309 -25.92 -20.68 18.66
C ASP A 309 -24.60 -20.04 19.09
N LEU A 310 -23.46 -20.61 18.69
CA LEU A 310 -22.16 -20.03 19.05
C LEU A 310 -21.80 -18.91 18.09
N ASN A 311 -22.69 -17.93 17.96
CA ASN A 311 -22.50 -16.82 17.02
C ASN A 311 -23.09 -15.56 17.66
N LYS A 312 -22.23 -14.75 18.26
CA LYS A 312 -22.70 -13.52 18.90
C LYS A 312 -23.05 -12.44 17.88
N ARG A 313 -22.22 -12.29 16.84
CA ARG A 313 -22.46 -11.30 15.79
C ARG A 313 -23.53 -11.86 14.85
N LYS A 314 -24.78 -11.67 15.23
CA LYS A 314 -25.91 -12.19 14.46
C LYS A 314 -26.44 -11.19 13.43
N ASP A 315 -25.92 -9.96 13.41
CA ASP A 315 -26.38 -8.95 12.48
C ASP A 315 -25.31 -8.49 11.50
N THR A 316 -24.14 -9.13 11.48
CA THR A 316 -23.07 -8.76 10.57
C THR A 316 -22.48 -9.93 9.79
N LYS A 317 -22.85 -11.17 10.11
CA LYS A 317 -22.30 -12.33 9.42
C LYS A 317 -23.34 -13.43 9.41
N GLU A 318 -23.19 -14.36 8.48
CA GLU A 318 -24.05 -15.53 8.36
C GLU A 318 -23.21 -16.79 8.42
N ILE A 319 -23.88 -17.91 8.68
CA ILE A 319 -23.24 -19.22 8.78
C ILE A 319 -23.99 -20.17 7.86
N TYR A 320 -23.37 -20.52 6.74
CA TYR A 320 -23.97 -21.43 5.77
C TYR A 320 -23.55 -22.85 6.12
N THR A 321 -24.51 -23.71 6.40
CA THR A 321 -24.26 -25.08 6.81
C THR A 321 -24.50 -26.02 5.63
N HIS A 322 -23.61 -27.01 5.47
CA HIS A 322 -23.73 -27.99 4.42
C HIS A 322 -23.16 -29.32 4.91
N PHE A 323 -23.77 -30.42 4.47
CA PHE A 323 -23.33 -31.76 4.84
C PHE A 323 -22.54 -32.34 3.67
N THR A 324 -21.27 -32.64 3.92
CA THR A 324 -20.39 -33.15 2.86
C THR A 324 -20.87 -34.50 2.36
N CYS A 325 -21.04 -34.61 1.05
CA CYS A 325 -21.51 -35.82 0.41
C CYS A 325 -20.42 -36.37 -0.52
N ALA A 326 -20.68 -37.57 -1.05
CA ALA A 326 -19.71 -38.21 -1.93
C ALA A 326 -19.57 -37.47 -3.25
N THR A 327 -20.64 -36.79 -3.68
CA THR A 327 -20.59 -36.03 -4.92
C THR A 327 -19.64 -34.84 -4.78
N ASP A 328 -18.62 -34.79 -5.62
CA ASP A 328 -17.62 -33.73 -5.52
C ASP A 328 -18.15 -32.41 -6.06
N THR A 329 -19.08 -32.46 -7.02
CA THR A 329 -19.55 -31.24 -7.65
C THR A 329 -20.45 -30.44 -6.70
N LYS A 330 -21.20 -31.13 -5.84
CA LYS A 330 -22.15 -30.44 -4.98
C LYS A 330 -21.46 -29.53 -3.98
N ASN A 331 -20.33 -29.98 -3.42
CA ASN A 331 -19.62 -29.16 -2.44
C ASN A 331 -19.06 -27.90 -3.08
N VAL A 332 -18.46 -28.03 -4.27
CA VAL A 332 -17.94 -26.86 -4.97
C VAL A 332 -19.08 -25.92 -5.36
N GLN A 333 -20.22 -26.48 -5.75
CA GLN A 333 -21.39 -25.65 -6.08
C GLN A 333 -21.88 -24.88 -4.85
N PHE A 334 -21.89 -25.53 -3.69
CA PHE A 334 -22.30 -24.85 -2.48
C PHE A 334 -21.32 -23.74 -2.11
N VAL A 335 -20.03 -24.00 -2.23
CA VAL A 335 -19.03 -22.97 -1.94
C VAL A 335 -19.21 -21.79 -2.90
N PHE A 336 -19.46 -22.08 -4.18
CA PHE A 336 -19.66 -21.01 -5.16
C PHE A 336 -20.91 -20.20 -4.84
N ASP A 337 -21.99 -20.86 -4.45
CA ASP A 337 -23.22 -20.16 -4.09
C ASP A 337 -23.01 -19.26 -2.88
N ALA A 338 -22.33 -19.78 -1.86
CA ALA A 338 -22.08 -18.96 -0.67
C ALA A 338 -21.20 -17.77 -1.00
N VAL A 339 -20.16 -17.97 -1.82
CA VAL A 339 -19.29 -16.86 -2.19
C VAL A 339 -20.05 -15.82 -3.00
N THR A 340 -20.95 -16.27 -3.89
CA THR A 340 -21.74 -15.32 -4.67
C THR A 340 -22.69 -14.53 -3.80
N ASP A 341 -23.30 -15.19 -2.81
CA ASP A 341 -24.18 -14.46 -1.90
C ASP A 341 -23.40 -13.44 -1.07
N VAL A 342 -22.19 -13.81 -0.63
CA VAL A 342 -21.36 -12.86 0.10
C VAL A 342 -20.98 -11.68 -0.79
N ILE A 343 -20.69 -11.94 -2.06
CA ILE A 343 -20.35 -10.86 -3.00
C ILE A 343 -21.55 -9.94 -3.20
N ILE A 344 -22.75 -10.50 -3.35
CA ILE A 344 -23.94 -9.68 -3.53
C ILE A 344 -24.19 -8.82 -2.29
N LYS A 345 -24.03 -9.41 -1.09
CA LYS A 345 -24.23 -8.64 0.13
C LYS A 345 -23.20 -7.52 0.27
N ASN A 346 -21.95 -7.80 -0.10
CA ASN A 346 -20.91 -6.77 -0.02
C ASN A 346 -21.17 -5.67 -1.04
N ASN A 347 -21.66 -6.01 -2.23
CA ASN A 347 -21.97 -4.99 -3.22
C ASN A 347 -23.14 -4.13 -2.76
N LEU A 348 -24.14 -4.74 -2.12
CA LEU A 348 -25.26 -3.96 -1.60
C LEU A 348 -24.81 -3.04 -0.48
N LYS A 349 -23.92 -3.53 0.40
CA LYS A 349 -23.42 -2.68 1.48
C LYS A 349 -22.47 -1.61 0.95
N ASP A 350 -21.91 -1.82 -0.24
CA ASP A 350 -20.93 -0.89 -0.78
C ASP A 350 -21.60 0.41 -1.21
N CYS A 351 -22.67 0.33 -2.00
CA CYS A 351 -23.33 1.50 -2.54
C CYS A 351 -24.38 2.07 -1.59
N GLY A 352 -24.32 1.73 -0.31
CA GLY A 352 -25.25 2.27 0.66
C GLY A 352 -26.70 1.91 0.44
N LEU A 353 -26.96 0.81 -0.25
CA LEU A 353 -28.33 0.38 -0.55
C LEU A 353 -28.86 -0.63 0.46
N PHE A 354 -28.08 -0.98 1.48
CA PHE A 354 -28.50 -1.98 2.45
C PHE A 354 -27.74 -1.80 3.76
N GLY B 17 11.29 -38.86 41.44
CA GLY B 17 10.40 -37.81 41.90
C GLY B 17 11.17 -36.85 42.81
N SER B 18 11.95 -37.42 43.74
CA SER B 18 12.73 -36.61 44.65
C SER B 18 13.81 -35.82 43.93
N GLU B 19 14.42 -36.41 42.89
CA GLU B 19 15.43 -35.69 42.13
C GLU B 19 14.85 -34.47 41.44
N LEU B 20 13.67 -34.61 40.84
CA LEU B 20 13.00 -33.47 40.23
C LEU B 20 12.69 -32.39 41.27
N ASP B 21 12.28 -32.80 42.47
CA ASP B 21 11.94 -31.83 43.51
C ASP B 21 13.19 -31.06 43.97
N GLN B 22 14.30 -31.77 44.20
CA GLN B 22 15.51 -31.06 44.63
C GLN B 22 16.05 -30.18 43.51
N LEU B 23 15.92 -30.61 42.25
CA LEU B 23 16.33 -29.74 41.15
C LEU B 23 15.47 -28.48 41.09
N ARG B 24 14.16 -28.61 41.31
CA ARG B 24 13.30 -27.44 41.29
C ARG B 24 13.63 -26.49 42.43
N GLN B 25 13.85 -27.02 43.64
CA GLN B 25 14.13 -26.11 44.75
C GLN B 25 15.52 -25.47 44.60
N GLU B 26 16.47 -26.19 43.99
CA GLU B 26 17.77 -25.58 43.73
C GLU B 26 17.65 -24.47 42.69
N ALA B 27 16.85 -24.69 41.64
CA ALA B 27 16.62 -23.63 40.67
C ALA B 27 15.94 -22.42 41.30
N GLU B 28 14.98 -22.67 42.19
CA GLU B 28 14.31 -21.57 42.88
C GLU B 28 15.28 -20.81 43.78
N GLN B 29 16.16 -21.53 44.48
CA GLN B 29 17.16 -20.87 45.32
C GLN B 29 18.12 -20.04 44.49
N LEU B 30 18.53 -20.57 43.32
CA LEU B 30 19.41 -19.80 42.45
C LEU B 30 18.72 -18.55 41.92
N LYS B 31 17.43 -18.66 41.56
CA LYS B 31 16.68 -17.51 41.11
C LYS B 31 16.56 -16.46 42.23
N ASN B 32 16.31 -16.91 43.46
CA ASN B 32 16.21 -15.99 44.58
C ASN B 32 17.55 -15.30 44.84
N GLN B 33 18.65 -16.05 44.74
CA GLN B 33 19.98 -15.47 44.93
C GLN B 33 20.26 -14.43 43.86
N ILE B 34 19.89 -14.72 42.61
CA ILE B 34 20.06 -13.75 41.54
C ILE B 34 19.22 -12.50 41.81
N ARG B 35 18.01 -12.69 42.32
CA ARG B 35 17.15 -11.55 42.64
C ARG B 35 17.77 -10.68 43.73
N ASP B 36 18.31 -11.30 44.78
CA ASP B 36 18.94 -10.52 45.84
C ASP B 36 20.20 -9.82 45.35
N ALA B 37 20.98 -10.48 44.49
CA ALA B 37 22.17 -9.85 43.94
C ALA B 37 21.82 -8.67 43.05
N ARG B 38 20.70 -8.77 42.33
CA ARG B 38 20.26 -7.67 41.49
C ARG B 38 19.70 -6.52 42.32
N LYS B 39 19.03 -6.85 43.43
CA LYS B 39 18.49 -5.81 44.30
C LYS B 39 19.58 -5.09 45.07
N ALA B 40 20.66 -5.80 45.43
CA ALA B 40 21.72 -5.18 46.22
C ALA B 40 22.48 -4.12 45.42
N CYS B 41 22.56 -4.27 44.10
CA CYS B 41 23.30 -3.33 43.27
C CYS B 41 22.51 -2.08 42.91
N ALA B 42 21.27 -1.95 43.39
CA ALA B 42 20.43 -0.80 43.09
C ALA B 42 20.52 0.20 44.23
N ASP B 43 20.97 1.41 43.91
CA ASP B 43 21.10 2.48 44.89
C ASP B 43 20.32 3.74 44.52
N ALA B 44 20.26 4.08 43.24
CA ALA B 44 19.54 5.27 42.80
C ALA B 44 18.93 5.01 41.42
N THR B 45 17.73 5.52 41.20
CA THR B 45 17.05 5.32 39.93
C THR B 45 17.56 6.32 38.89
N LEU B 46 17.09 6.13 37.65
CA LEU B 46 17.51 7.01 36.57
C LEU B 46 16.85 8.38 36.67
N SER B 47 15.63 8.45 37.22
CA SER B 47 14.92 9.71 37.28
C SER B 47 15.57 10.68 38.27
N GLN B 48 16.05 10.15 39.41
CA GLN B 48 16.66 11.01 40.41
C GLN B 48 17.98 11.59 39.92
N ILE B 49 18.73 10.83 39.13
CA ILE B 49 20.02 11.33 38.63
C ILE B 49 19.80 12.34 37.52
N THR B 50 18.93 12.00 36.55
CA THR B 50 18.65 12.90 35.42
C THR B 50 17.50 13.84 35.76
N ASN B 51 17.69 14.60 36.84
CA ASN B 51 16.72 15.59 37.28
C ASN B 51 17.25 17.02 37.20
N ASN B 52 18.55 17.20 36.99
CA ASN B 52 19.15 18.53 36.90
C ASN B 52 19.60 18.85 35.48
N ILE B 53 18.85 18.37 34.49
CA ILE B 53 19.14 18.63 33.09
C ILE B 53 17.96 19.35 32.46
N ASP B 54 18.24 20.06 31.36
CA ASP B 54 17.22 20.83 30.67
C ASP B 54 16.45 19.92 29.72
N PRO B 55 15.16 19.70 29.94
CA PRO B 55 14.39 18.83 29.04
C PRO B 55 13.99 19.56 27.76
N VAL B 56 13.78 18.76 26.70
CA VAL B 56 13.33 19.31 25.44
C VAL B 56 11.88 19.73 25.55
N GLY B 57 11.56 20.90 25.02
CA GLY B 57 10.22 21.44 25.12
C GLY B 57 9.19 20.69 24.29
N ARG B 58 9.30 20.80 22.97
CA ARG B 58 8.39 20.14 22.06
C ARG B 58 9.16 19.69 20.82
N ILE B 59 8.77 18.53 20.29
CA ILE B 59 9.38 18.02 19.05
C ILE B 59 8.33 18.02 17.97
N GLN B 60 8.28 19.08 17.17
CA GLN B 60 7.31 19.21 16.10
C GLN B 60 7.92 18.68 14.80
N MET B 61 7.36 17.59 14.28
CA MET B 61 7.84 16.96 13.06
C MET B 61 6.73 17.02 12.01
N ARG B 62 7.08 17.51 10.83
CA ARG B 62 6.14 17.61 9.72
C ARG B 62 6.56 16.62 8.63
N THR B 63 5.57 15.96 8.03
CA THR B 63 5.86 15.00 6.97
C THR B 63 6.45 15.71 5.75
N ARG B 64 7.40 15.05 5.11
CA ARG B 64 8.05 15.58 3.92
C ARG B 64 7.66 14.82 2.66
N ARG B 65 7.83 13.50 2.65
CA ARG B 65 7.48 12.66 1.52
C ARG B 65 6.38 11.69 1.93
N THR B 66 5.54 11.32 0.95
CA THR B 66 4.48 10.34 1.15
C THR B 66 4.67 9.26 0.09
N LEU B 67 5.47 8.25 0.42
CA LEU B 67 5.77 7.17 -0.50
C LEU B 67 4.54 6.29 -0.66
N ARG B 68 3.81 6.48 -1.76
CA ARG B 68 2.59 5.73 -2.04
C ARG B 68 2.83 4.78 -3.22
N GLY B 69 2.01 3.74 -3.28
CA GLY B 69 2.14 2.75 -4.33
C GLY B 69 1.82 1.34 -3.90
N HIS B 70 1.81 1.09 -2.60
CA HIS B 70 1.42 -0.23 -2.09
C HIS B 70 -0.10 -0.37 -2.17
N LEU B 71 -0.55 -1.64 -2.19
CA LEU B 71 -1.97 -1.94 -2.32
C LEU B 71 -2.47 -2.86 -1.21
N ALA B 72 -1.75 -2.93 -0.09
CA ALA B 72 -2.16 -3.77 1.03
C ALA B 72 -1.45 -3.28 2.28
N LYS B 73 -1.56 -4.03 3.37
CA LYS B 73 -0.90 -3.64 4.61
C LYS B 73 0.62 -3.67 4.45
N ILE B 74 1.29 -2.88 5.27
CA ILE B 74 2.76 -2.84 5.31
C ILE B 74 3.20 -3.38 6.66
N TYR B 75 4.11 -4.34 6.65
CA TYR B 75 4.49 -5.05 7.85
C TYR B 75 5.93 -4.80 8.31
N ALA B 76 6.81 -4.33 7.44
CA ALA B 76 8.19 -4.07 7.85
C ALA B 76 8.86 -3.17 6.82
N MET B 77 9.94 -2.52 7.26
CA MET B 77 10.77 -1.73 6.38
C MET B 77 12.13 -1.57 7.03
N HIS B 78 13.15 -1.31 6.20
CA HIS B 78 14.50 -1.13 6.69
C HIS B 78 15.19 -0.05 5.88
N TRP B 79 16.01 0.76 6.54
CA TRP B 79 16.75 1.83 5.90
C TRP B 79 18.11 1.33 5.43
N GLY B 80 18.54 1.83 4.28
CA GLY B 80 19.84 1.46 3.75
C GLY B 80 20.98 2.12 4.51
N THR B 81 22.18 1.63 4.24
CA THR B 81 23.36 2.20 4.88
C THR B 81 23.64 3.61 4.38
N ASP B 82 23.39 3.87 3.09
CA ASP B 82 23.61 5.18 2.52
C ASP B 82 22.56 6.21 2.97
N SER B 83 21.63 5.82 3.83
CA SER B 83 20.59 6.72 4.36
C SER B 83 19.77 7.36 3.24
N ARG B 84 19.65 6.69 2.11
CA ARG B 84 18.93 7.24 0.98
C ARG B 84 17.88 6.27 0.45
N LEU B 85 18.16 4.98 0.53
CA LEU B 85 17.28 3.94 0.02
C LEU B 85 16.64 3.17 1.17
N LEU B 86 15.40 2.75 0.96
CA LEU B 86 14.67 1.93 1.93
C LEU B 86 13.82 0.91 1.19
N VAL B 87 13.67 -0.26 1.80
CA VAL B 87 12.89 -1.35 1.24
C VAL B 87 11.71 -1.63 2.17
N SER B 88 10.54 -1.85 1.58
CA SER B 88 9.32 -2.10 2.35
C SER B 88 8.62 -3.33 1.81
N ALA B 89 8.15 -4.17 2.72
CA ALA B 89 7.43 -5.40 2.39
C ALA B 89 5.95 -5.23 2.70
N SER B 90 5.10 -5.78 1.83
CA SER B 90 3.66 -5.65 1.97
C SER B 90 3.00 -6.98 1.68
N GLN B 91 1.70 -7.06 1.99
CA GLN B 91 0.96 -8.31 1.88
C GLN B 91 0.61 -8.67 0.43
N ASP B 92 0.53 -7.69 -0.47
CA ASP B 92 0.18 -8.00 -1.86
C ASP B 92 1.28 -8.74 -2.60
N GLY B 93 2.44 -8.91 -1.99
CA GLY B 93 3.52 -9.66 -2.60
C GLY B 93 4.57 -8.83 -3.30
N LYS B 94 4.87 -7.64 -2.82
CA LYS B 94 5.86 -6.76 -3.43
C LYS B 94 6.90 -6.35 -2.40
N LEU B 95 8.11 -6.07 -2.90
CA LEU B 95 9.25 -5.69 -2.08
C LEU B 95 9.89 -4.43 -2.63
N ILE B 96 9.06 -3.40 -2.86
CA ILE B 96 9.52 -2.19 -3.51
C ILE B 96 10.69 -1.56 -2.76
N ILE B 97 11.67 -1.07 -3.50
CA ILE B 97 12.82 -0.36 -2.95
C ILE B 97 12.67 1.10 -3.35
N TRP B 98 12.32 1.94 -2.39
CA TRP B 98 12.03 3.34 -2.65
C TRP B 98 13.30 4.18 -2.65
N ASP B 99 13.17 5.39 -3.17
CA ASP B 99 14.19 6.42 -3.05
C ASP B 99 13.62 7.53 -2.17
N SER B 100 14.27 7.77 -1.03
CA SER B 100 13.71 8.68 -0.04
C SER B 100 13.70 10.13 -0.52
N TYR B 101 14.68 10.52 -1.34
CA TYR B 101 14.80 11.92 -1.73
C TYR B 101 13.78 12.30 -2.79
N THR B 102 13.75 11.55 -3.90
CA THR B 102 12.93 11.91 -5.05
C THR B 102 11.66 11.09 -5.18
N THR B 103 11.35 10.23 -4.21
CA THR B 103 10.13 9.44 -4.11
C THR B 103 10.07 8.34 -5.18
N ASN B 104 11.02 8.31 -6.11
CA ASN B 104 10.99 7.32 -7.17
C ASN B 104 11.22 5.92 -6.61
N LYS B 105 10.82 4.91 -7.40
CA LYS B 105 11.06 3.52 -7.07
C LYS B 105 12.23 3.00 -7.89
N VAL B 106 12.98 2.08 -7.30
CA VAL B 106 14.14 1.49 -7.95
C VAL B 106 13.89 0.06 -8.39
N HIS B 107 13.16 -0.72 -7.59
CA HIS B 107 12.84 -2.10 -7.94
C HIS B 107 11.46 -2.43 -7.43
N ALA B 108 10.86 -3.47 -8.02
CA ALA B 108 9.53 -3.95 -7.68
C ALA B 108 9.54 -5.46 -7.55
N ILE B 109 10.50 -5.97 -6.78
CA ILE B 109 10.75 -7.41 -6.61
C ILE B 109 9.47 -8.14 -6.22
N PRO B 110 9.00 -9.08 -7.03
CA PRO B 110 7.86 -9.89 -6.63
C PRO B 110 8.28 -10.99 -5.65
N LEU B 111 7.28 -11.62 -5.05
CA LEU B 111 7.50 -12.63 -4.02
C LEU B 111 6.78 -13.92 -4.38
N ARG B 112 7.34 -15.04 -3.90
CA ARG B 112 6.70 -16.33 -4.12
C ARG B 112 5.40 -16.44 -3.33
N SER B 113 5.49 -16.25 -2.02
CA SER B 113 4.33 -16.31 -1.13
C SER B 113 4.03 -14.91 -0.62
N SER B 114 2.80 -14.44 -0.84
CA SER B 114 2.41 -13.10 -0.45
C SER B 114 1.96 -13.04 1.02
N TRP B 115 2.78 -13.58 1.91
CA TRP B 115 2.55 -13.50 3.36
C TRP B 115 3.93 -13.23 3.98
N VAL B 116 4.26 -11.95 4.11
CA VAL B 116 5.58 -11.54 4.60
C VAL B 116 5.40 -10.71 5.85
N MET B 117 6.30 -10.90 6.82
CA MET B 117 6.27 -10.17 8.07
C MET B 117 7.59 -9.49 8.39
N THR B 118 8.58 -9.55 7.51
CA THR B 118 9.89 -8.99 7.79
C THR B 118 10.61 -8.70 6.48
N CYS B 119 11.59 -7.81 6.56
CA CYS B 119 12.48 -7.52 5.44
C CYS B 119 13.73 -6.87 5.99
N ALA B 120 14.84 -7.03 5.26
CA ALA B 120 16.10 -6.48 5.69
C ALA B 120 16.86 -5.95 4.49
N TYR B 121 17.85 -5.09 4.76
CA TYR B 121 18.69 -4.51 3.72
C TYR B 121 20.14 -4.72 4.14
N ALA B 122 20.93 -5.33 3.27
CA ALA B 122 22.30 -5.67 3.62
C ALA B 122 23.11 -4.40 3.86
N PRO B 123 24.09 -4.44 4.77
CA PRO B 123 24.91 -3.25 5.04
C PRO B 123 25.76 -2.83 3.84
N SER B 124 26.08 -3.75 2.94
CA SER B 124 26.83 -3.41 1.73
C SER B 124 25.93 -2.96 0.59
N GLY B 125 24.62 -3.06 0.75
CA GLY B 125 23.70 -2.64 -0.29
C GLY B 125 23.54 -3.59 -1.45
N ASN B 126 23.99 -4.84 -1.31
CA ASN B 126 23.92 -5.80 -2.40
C ASN B 126 22.69 -6.69 -2.32
N TYR B 127 22.42 -7.27 -1.14
CA TYR B 127 21.36 -8.25 -0.97
C TYR B 127 20.21 -7.65 -0.16
N VAL B 128 19.04 -8.28 -0.30
CA VAL B 128 17.85 -7.89 0.44
C VAL B 128 17.09 -9.17 0.79
N ALA B 129 16.92 -9.43 2.08
CA ALA B 129 16.22 -10.61 2.55
C ALA B 129 14.80 -10.26 2.94
N CYS B 130 13.91 -11.25 2.86
CA CYS B 130 12.51 -11.04 3.21
C CYS B 130 11.89 -12.38 3.57
N GLY B 131 11.62 -12.58 4.86
CA GLY B 131 10.99 -13.81 5.30
C GLY B 131 9.48 -13.75 5.20
N GLY B 132 8.78 -14.36 6.14
CA GLY B 132 7.33 -14.29 6.14
C GLY B 132 6.72 -15.48 6.85
N LEU B 133 5.46 -15.76 6.49
CA LEU B 133 4.69 -16.83 7.12
C LEU B 133 5.05 -18.21 6.59
N ASP B 134 5.77 -18.30 5.48
CA ASP B 134 6.15 -19.58 4.90
C ASP B 134 7.43 -20.14 5.52
N ASN B 135 7.82 -19.62 6.69
CA ASN B 135 9.03 -20.02 7.43
C ASN B 135 10.21 -20.27 6.50
N ILE B 136 10.43 -19.32 5.58
CA ILE B 136 11.52 -19.41 4.60
C ILE B 136 12.06 -18.00 4.39
N CYS B 137 13.37 -17.84 4.57
CA CYS B 137 14.02 -16.55 4.37
C CYS B 137 14.63 -16.52 2.96
N SER B 138 14.03 -15.73 2.07
CA SER B 138 14.48 -15.61 0.70
C SER B 138 15.43 -14.43 0.58
N ILE B 139 16.60 -14.67 -0.01
CA ILE B 139 17.62 -13.65 -0.19
C ILE B 139 17.70 -13.29 -1.66
N TYR B 140 17.58 -12.00 -1.96
CA TYR B 140 17.58 -11.52 -3.33
C TYR B 140 18.87 -10.78 -3.63
N ASN B 141 19.24 -10.76 -4.91
CA ASN B 141 20.44 -10.07 -5.38
C ASN B 141 20.04 -8.85 -6.20
N LEU B 142 20.67 -7.71 -5.91
CA LEU B 142 20.34 -6.46 -6.57
C LEU B 142 21.38 -6.00 -7.58
N LYS B 143 22.57 -6.60 -7.58
CA LYS B 143 23.66 -6.17 -8.45
C LYS B 143 24.03 -7.26 -9.44
N THR B 144 23.02 -7.90 -10.04
CA THR B 144 23.26 -8.93 -11.03
C THR B 144 23.78 -8.33 -12.33
N ARG B 145 24.37 -9.18 -13.16
CA ARG B 145 24.87 -8.74 -14.45
C ARG B 145 23.71 -8.35 -15.37
N GLU B 146 22.58 -9.04 -15.24
CA GLU B 146 21.40 -8.72 -16.03
C GLU B 146 20.68 -7.51 -15.41
N GLY B 147 19.48 -7.23 -15.88
CA GLY B 147 18.70 -6.10 -15.39
C GLY B 147 17.65 -6.43 -14.36
N ASN B 148 17.48 -7.70 -14.00
CA ASN B 148 16.47 -8.13 -13.06
C ASN B 148 17.11 -8.53 -11.73
N VAL B 149 16.28 -9.01 -10.81
CA VAL B 149 16.72 -9.45 -9.49
C VAL B 149 16.42 -10.94 -9.37
N ARG B 150 17.38 -11.68 -8.85
CA ARG B 150 17.26 -13.13 -8.70
C ARG B 150 17.30 -13.53 -7.24
N VAL B 151 16.80 -14.73 -6.96
CA VAL B 151 16.81 -15.28 -5.61
C VAL B 151 18.16 -15.98 -5.43
N SER B 152 19.07 -15.34 -4.71
CA SER B 152 20.40 -15.89 -4.53
C SER B 152 20.37 -17.15 -3.67
N ARG B 153 19.59 -17.14 -2.60
CA ARG B 153 19.51 -18.29 -1.70
C ARG B 153 18.10 -18.34 -1.11
N GLU B 154 17.69 -19.55 -0.71
CA GLU B 154 16.38 -19.79 -0.12
C GLU B 154 16.57 -20.67 1.11
N LEU B 155 16.72 -20.03 2.27
CA LEU B 155 16.99 -20.72 3.52
C LEU B 155 15.70 -21.29 4.09
N ALA B 156 15.70 -22.60 4.37
CA ALA B 156 14.51 -23.29 4.89
C ALA B 156 14.97 -24.30 5.94
N GLY B 157 14.95 -23.89 7.19
CA GLY B 157 15.29 -24.78 8.29
C GLY B 157 14.46 -24.53 9.54
N HIS B 158 13.48 -23.65 9.44
CA HIS B 158 12.64 -23.27 10.57
C HIS B 158 11.29 -23.98 10.48
N THR B 159 10.74 -24.36 11.63
CA THR B 159 9.43 -24.98 11.68
C THR B 159 8.32 -23.95 11.87
N GLY B 160 8.49 -23.03 12.82
CA GLY B 160 7.52 -21.98 13.02
C GLY B 160 7.71 -20.82 12.06
N TYR B 161 6.70 -19.96 12.01
CA TYR B 161 6.72 -18.83 11.09
C TYR B 161 7.87 -17.89 11.41
N LEU B 162 8.42 -17.27 10.37
CA LEU B 162 9.52 -16.32 10.53
C LEU B 162 9.00 -14.95 10.93
N SER B 163 9.70 -14.31 11.85
CA SER B 163 9.25 -13.04 12.43
C SER B 163 10.11 -11.86 12.02
N CYS B 164 11.43 -11.93 12.24
CA CYS B 164 12.31 -10.83 11.89
C CYS B 164 13.71 -11.37 11.64
N CYS B 165 14.43 -10.72 10.73
CA CYS B 165 15.77 -11.16 10.35
C CYS B 165 16.60 -9.94 9.97
N ARG B 166 17.85 -9.91 10.47
CA ARG B 166 18.77 -8.83 10.18
C ARG B 166 20.07 -9.41 9.63
N PHE B 167 20.71 -8.66 8.74
CA PHE B 167 21.97 -9.07 8.13
C PHE B 167 23.12 -8.84 9.10
N LEU B 168 23.70 -9.93 9.60
CA LEU B 168 24.88 -9.81 10.45
C LEU B 168 26.10 -9.41 9.63
N ASP B 169 26.16 -9.85 8.37
CA ASP B 169 27.26 -9.54 7.47
C ASP B 169 26.76 -9.76 6.05
N ASP B 170 27.67 -9.66 5.09
CA ASP B 170 27.32 -9.93 3.69
C ASP B 170 27.17 -11.42 3.40
N ASN B 171 27.61 -12.28 4.31
CA ASN B 171 27.52 -13.72 4.13
C ASN B 171 26.76 -14.44 5.23
N GLN B 172 26.50 -13.78 6.36
CA GLN B 172 25.80 -14.38 7.48
C GLN B 172 24.54 -13.59 7.79
N ILE B 173 23.45 -14.30 8.09
CA ILE B 173 22.18 -13.69 8.46
C ILE B 173 21.59 -14.46 9.62
N VAL B 174 21.04 -13.74 10.59
CA VAL B 174 20.43 -14.32 11.77
C VAL B 174 18.92 -14.09 11.69
N THR B 175 18.14 -15.13 11.98
CA THR B 175 16.69 -15.09 11.89
C THR B 175 16.07 -15.47 13.22
N SER B 176 14.85 -14.99 13.45
CA SER B 176 14.10 -15.27 14.66
C SER B 176 12.73 -15.79 14.24
N SER B 177 12.52 -17.11 14.37
CA SER B 177 11.27 -17.74 13.97
C SER B 177 10.33 -17.83 15.17
N GLY B 178 9.11 -18.29 14.88
CA GLY B 178 8.09 -18.44 15.89
C GLY B 178 8.15 -19.71 16.70
N ASP B 179 9.05 -20.64 16.37
CA ASP B 179 9.17 -21.88 17.14
C ASP B 179 10.21 -21.77 18.24
N THR B 180 10.10 -20.70 19.04
CA THR B 180 10.87 -20.50 20.27
C THR B 180 12.38 -20.64 20.05
N THR B 181 12.86 -20.45 18.83
CA THR B 181 14.30 -20.54 18.56
C THR B 181 14.73 -19.43 17.61
N CYS B 182 16.03 -19.15 17.65
CA CYS B 182 16.68 -18.26 16.69
C CYS B 182 17.95 -18.95 16.19
N ALA B 183 18.27 -18.72 14.92
CA ALA B 183 19.38 -19.42 14.29
C ALA B 183 20.21 -18.45 13.45
N LEU B 184 21.50 -18.77 13.33
CA LEU B 184 22.42 -18.01 12.49
C LEU B 184 22.71 -18.83 11.24
N TRP B 185 22.59 -18.20 10.08
CA TRP B 185 22.67 -18.89 8.80
C TRP B 185 23.98 -18.58 8.09
N ASP B 186 24.23 -19.34 7.02
CA ASP B 186 25.37 -19.14 6.15
C ASP B 186 24.86 -19.14 4.71
N ILE B 187 24.92 -17.98 4.06
CA ILE B 187 24.32 -17.84 2.74
C ILE B 187 25.09 -18.65 1.70
N GLU B 188 26.41 -18.76 1.87
CA GLU B 188 27.22 -19.49 0.90
C GLU B 188 26.90 -20.98 0.95
N THR B 189 26.94 -21.59 2.14
CA THR B 189 26.65 -23.01 2.25
C THR B 189 25.15 -23.28 2.13
N GLY B 190 24.34 -22.52 2.87
CA GLY B 190 22.90 -22.69 2.85
C GLY B 190 22.32 -23.30 4.11
N GLN B 191 23.15 -23.77 5.02
CA GLN B 191 22.69 -24.41 6.26
C GLN B 191 23.05 -23.52 7.45
N GLN B 192 22.25 -23.65 8.51
CA GLN B 192 22.47 -22.84 9.70
C GLN B 192 23.72 -23.32 10.45
N THR B 193 24.42 -22.36 11.05
CA THR B 193 25.65 -22.63 11.79
C THR B 193 25.41 -22.79 13.28
N THR B 194 24.73 -21.83 13.90
CA THR B 194 24.45 -21.86 15.33
C THR B 194 22.96 -21.69 15.56
N THR B 195 22.41 -22.47 16.49
CA THR B 195 21.01 -22.41 16.85
C THR B 195 20.90 -21.96 18.30
N PHE B 196 20.21 -20.85 18.53
CA PHE B 196 20.03 -20.30 19.87
C PHE B 196 18.69 -20.76 20.41
N THR B 197 18.72 -21.46 21.55
CA THR B 197 17.52 -21.97 22.19
C THR B 197 17.50 -21.55 23.65
N GLY B 198 16.31 -21.61 24.24
CA GLY B 198 16.15 -21.21 25.63
C GLY B 198 14.85 -20.46 25.88
N HIS B 199 14.29 -19.86 24.83
CA HIS B 199 13.04 -19.13 24.95
C HIS B 199 11.88 -20.09 25.12
N THR B 200 10.88 -19.67 25.88
CA THR B 200 9.67 -20.47 26.10
C THR B 200 8.55 -20.07 25.14
N GLY B 201 8.42 -18.78 24.84
CA GLY B 201 7.40 -18.29 23.94
C GLY B 201 7.95 -17.92 22.57
N ASP B 202 7.07 -17.36 21.75
CA ASP B 202 7.42 -17.01 20.38
C ASP B 202 8.37 -15.83 20.36
N VAL B 203 9.48 -15.98 19.64
CA VAL B 203 10.42 -14.89 19.42
C VAL B 203 9.96 -14.09 18.22
N MET B 204 9.78 -12.78 18.40
CA MET B 204 9.25 -11.97 17.30
C MET B 204 9.94 -10.62 17.16
N SER B 205 11.16 -10.47 17.68
CA SER B 205 11.90 -9.22 17.53
C SER B 205 13.34 -9.45 17.94
N LEU B 206 14.27 -8.81 17.22
CA LEU B 206 15.68 -8.82 17.58
C LEU B 206 16.35 -7.62 16.95
N SER B 207 17.58 -7.35 17.40
CA SER B 207 18.37 -6.25 16.88
C SER B 207 19.84 -6.52 17.12
N LEU B 208 20.67 -6.18 16.14
CA LEU B 208 22.10 -6.43 16.22
C LEU B 208 22.82 -5.29 16.92
N ALA B 209 23.98 -5.61 17.49
CA ALA B 209 24.79 -4.62 18.17
C ALA B 209 25.50 -3.72 17.17
N PRO B 210 25.87 -2.50 17.58
CA PRO B 210 26.64 -1.63 16.67
C PRO B 210 27.93 -2.25 16.19
N ASP B 211 28.67 -2.92 17.08
CA ASP B 211 29.87 -3.64 16.67
C ASP B 211 29.58 -5.01 16.11
N THR B 212 28.30 -5.42 16.07
CA THR B 212 27.88 -6.71 15.53
C THR B 212 28.61 -7.85 16.23
N ARG B 213 28.38 -7.95 17.52
CA ARG B 213 28.95 -9.01 18.34
C ARG B 213 27.90 -9.74 19.17
N LEU B 214 26.88 -9.04 19.64
CA LEU B 214 25.81 -9.63 20.44
C LEU B 214 24.46 -9.14 19.91
N PHE B 215 23.39 -9.81 20.34
CA PHE B 215 22.05 -9.40 19.97
C PHE B 215 21.07 -9.96 20.97
N VAL B 216 19.93 -9.28 21.12
CA VAL B 216 18.88 -9.69 22.04
C VAL B 216 17.65 -10.07 21.23
N SER B 217 16.81 -10.91 21.84
CA SER B 217 15.59 -11.38 21.22
C SER B 217 14.42 -11.15 22.17
N GLY B 218 13.30 -10.71 21.62
CA GLY B 218 12.11 -10.47 22.41
C GLY B 218 11.08 -11.58 22.31
N ALA B 219 10.93 -12.35 23.38
CA ALA B 219 10.01 -13.48 23.37
C ALA B 219 8.57 -12.98 23.45
N CYS B 220 7.64 -13.93 23.51
CA CYS B 220 6.23 -13.64 23.62
C CYS B 220 5.70 -13.85 25.04
N ASP B 221 6.57 -14.15 25.99
CA ASP B 221 6.18 -14.27 27.40
C ASP B 221 7.15 -13.44 28.25
N ALA B 222 6.90 -12.13 28.31
CA ALA B 222 7.51 -11.20 29.25
C ALA B 222 8.98 -11.54 29.54
N SER B 223 9.76 -11.67 28.47
CA SER B 223 11.16 -12.07 28.62
C SER B 223 11.98 -11.53 27.47
N ALA B 224 13.25 -11.22 27.78
CA ALA B 224 14.23 -10.80 26.78
C ALA B 224 15.59 -11.33 27.19
N LYS B 225 16.27 -11.98 26.26
CA LYS B 225 17.55 -12.62 26.54
C LYS B 225 18.62 -12.04 25.62
N LEU B 226 19.86 -12.12 26.08
CA LEU B 226 21.01 -11.62 25.34
C LEU B 226 21.87 -12.78 24.88
N TRP B 227 22.18 -12.82 23.59
CA TRP B 227 22.95 -13.90 23.00
C TRP B 227 24.24 -13.37 22.41
N ASP B 228 25.24 -14.25 22.32
CA ASP B 228 26.49 -13.97 21.62
C ASP B 228 26.59 -14.90 20.41
N VAL B 229 27.02 -14.33 19.28
CA VAL B 229 26.98 -15.08 18.03
C VAL B 229 28.13 -16.07 17.94
N ARG B 230 29.20 -15.89 18.71
CA ARG B 230 30.34 -16.80 18.63
C ARG B 230 30.08 -18.08 19.43
N GLU B 231 29.85 -17.93 20.74
CA GLU B 231 29.64 -19.11 21.58
C GLU B 231 28.27 -19.72 21.36
N GLY B 232 27.26 -18.91 21.06
CA GLY B 232 25.92 -19.42 20.89
C GLY B 232 25.24 -19.79 22.19
N MET B 233 25.45 -19.00 23.24
CA MET B 233 24.90 -19.29 24.55
C MET B 233 24.18 -18.05 25.09
N CYS B 234 23.31 -18.29 26.07
CA CYS B 234 22.55 -17.23 26.71
C CYS B 234 23.37 -16.64 27.85
N ARG B 235 23.66 -15.35 27.78
CA ARG B 235 24.46 -14.67 28.81
C ARG B 235 23.56 -14.13 29.92
N GLN B 236 22.60 -13.27 29.57
CA GLN B 236 21.70 -12.66 30.54
C GLN B 236 20.27 -12.79 30.06
N THR B 237 19.34 -12.71 31.01
CA THR B 237 17.91 -12.67 30.72
C THR B 237 17.30 -11.52 31.50
N PHE B 238 16.30 -10.87 30.90
CA PHE B 238 15.66 -9.70 31.47
C PHE B 238 14.16 -9.93 31.56
N THR B 239 13.59 -9.65 32.73
CA THR B 239 12.16 -9.77 32.97
C THR B 239 11.64 -8.47 33.56
N GLY B 240 10.33 -8.34 33.60
CA GLY B 240 9.70 -7.16 34.16
C GLY B 240 8.45 -6.73 33.41
N HIS B 241 8.32 -7.18 32.17
CA HIS B 241 7.13 -6.87 31.39
C HIS B 241 5.95 -7.71 31.87
N GLU B 242 4.74 -7.25 31.54
CA GLU B 242 3.52 -7.92 31.95
C GLU B 242 3.00 -8.88 30.88
N SER B 243 2.66 -8.36 29.70
CA SER B 243 2.04 -9.19 28.67
C SER B 243 3.07 -9.96 27.85
N ASP B 244 3.91 -9.24 27.11
CA ASP B 244 4.88 -9.84 26.20
C ASP B 244 5.75 -8.74 25.63
N ILE B 245 6.69 -9.14 24.78
CA ILE B 245 7.56 -8.21 24.05
C ILE B 245 7.14 -8.21 22.59
N ASN B 246 7.23 -7.05 21.95
CA ASN B 246 6.80 -6.90 20.56
C ASN B 246 7.79 -6.19 19.67
N ALA B 247 8.77 -5.47 20.22
CA ALA B 247 9.78 -4.80 19.42
C ALA B 247 10.96 -4.44 20.32
N ILE B 248 12.18 -4.55 19.79
CA ILE B 248 13.38 -4.25 20.53
C ILE B 248 14.33 -3.45 19.62
N CYS B 249 15.06 -2.53 20.24
CA CYS B 249 16.08 -1.76 19.54
C CYS B 249 17.19 -1.40 20.52
N PHE B 250 18.44 -1.50 20.06
CA PHE B 250 19.58 -1.16 20.89
C PHE B 250 19.78 0.34 21.03
N PHE B 251 20.47 0.71 22.09
CA PHE B 251 20.96 2.07 22.31
C PHE B 251 22.20 2.31 21.44
N PRO B 252 22.37 3.52 20.91
CA PRO B 252 23.54 3.78 20.07
C PRO B 252 24.86 3.52 20.77
N ASN B 253 24.90 3.59 22.10
CA ASN B 253 26.12 3.29 22.82
C ASN B 253 26.45 1.80 22.77
N GLY B 254 25.42 0.96 22.78
CA GLY B 254 25.60 -0.48 22.76
C GLY B 254 25.48 -1.17 24.10
N ASN B 255 25.09 -0.45 25.15
CA ASN B 255 24.94 -1.02 26.48
C ASN B 255 23.54 -0.86 27.05
N ALA B 256 22.54 -0.73 26.18
CA ALA B 256 21.16 -0.60 26.62
C ALA B 256 20.24 -0.91 25.45
N PHE B 257 18.98 -1.20 25.76
CA PHE B 257 17.99 -1.48 24.73
C PHE B 257 16.60 -1.24 25.30
N ALA B 258 15.68 -0.88 24.42
CA ALA B 258 14.30 -0.59 24.77
C ALA B 258 13.39 -1.65 24.18
N THR B 259 12.48 -2.18 25.00
CA THR B 259 11.58 -3.25 24.59
C THR B 259 10.14 -2.75 24.64
N GLY B 260 9.45 -2.82 23.51
CA GLY B 260 8.03 -2.54 23.49
C GLY B 260 7.24 -3.65 24.14
N SER B 261 5.92 -3.48 24.14
CA SER B 261 5.04 -4.48 24.74
C SER B 261 3.62 -4.25 24.24
N ASP B 262 2.69 -5.03 24.77
CA ASP B 262 1.28 -4.90 24.44
C ASP B 262 0.49 -4.14 25.50
N ASP B 263 1.00 -4.05 26.72
CA ASP B 263 0.32 -3.31 27.79
C ASP B 263 0.80 -1.87 27.87
N ALA B 264 0.84 -1.19 26.72
CA ALA B 264 1.15 0.24 26.62
C ALA B 264 2.33 0.64 27.50
N THR B 265 3.42 -0.12 27.39
CA THR B 265 4.58 0.11 28.24
C THR B 265 5.84 -0.32 27.51
N CYS B 266 6.79 0.60 27.38
CA CYS B 266 8.12 0.30 26.86
C CYS B 266 9.15 0.73 27.89
N ARG B 267 10.11 -0.15 28.17
CA ARG B 267 11.07 0.06 29.23
C ARG B 267 12.49 0.06 28.66
N LEU B 268 13.43 0.50 29.49
CA LEU B 268 14.83 0.61 29.11
C LEU B 268 15.66 -0.24 30.06
N PHE B 269 16.31 -1.27 29.53
CA PHE B 269 17.17 -2.16 30.29
C PHE B 269 18.63 -1.79 30.09
N ASP B 270 19.50 -2.44 30.85
CA ASP B 270 20.93 -2.20 30.78
C ASP B 270 21.66 -3.54 30.73
N LEU B 271 22.81 -3.54 30.05
CA LEU B 271 23.59 -4.75 29.87
C LEU B 271 24.59 -4.98 30.99
N ARG B 272 25.40 -3.96 31.32
CA ARG B 272 26.39 -4.11 32.39
C ARG B 272 25.71 -4.36 33.73
N ALA B 273 24.61 -3.66 34.00
CA ALA B 273 23.78 -3.89 35.17
C ALA B 273 22.47 -4.48 34.68
N ASP B 274 22.31 -5.79 34.84
CA ASP B 274 21.14 -6.48 34.30
C ASP B 274 19.89 -6.16 35.11
N GLN B 275 19.43 -4.91 35.04
CA GLN B 275 18.31 -4.44 35.83
C GLN B 275 17.56 -3.37 35.04
N GLU B 276 16.24 -3.34 35.22
CA GLU B 276 15.42 -2.33 34.57
C GLU B 276 15.78 -0.94 35.09
N LEU B 277 15.85 0.03 34.17
CA LEU B 277 16.24 1.38 34.52
C LEU B 277 15.05 2.34 34.58
N MET B 278 14.21 2.36 33.54
CA MET B 278 13.14 3.34 33.47
C MET B 278 12.03 2.80 32.57
N THR B 279 10.80 3.12 32.93
CA THR B 279 9.62 2.71 32.19
C THR B 279 8.90 3.94 31.65
N TYR B 280 8.28 3.79 30.48
CA TYR B 280 7.58 4.87 29.79
C TYR B 280 6.12 4.47 29.66
N SER B 281 5.32 4.79 30.68
CA SER B 281 3.91 4.45 30.72
C SER B 281 3.09 5.70 30.94
N HIS B 282 1.90 5.74 30.34
CA HIS B 282 0.98 6.86 30.48
C HIS B 282 -0.43 6.33 30.73
N ASP B 283 -1.21 7.10 31.48
CA ASP B 283 -2.58 6.71 31.80
C ASP B 283 -3.55 6.93 30.65
N ASN B 284 -3.12 7.57 29.58
CA ASN B 284 -3.97 7.82 28.42
C ASN B 284 -3.83 6.75 27.35
N ILE B 285 -2.78 5.94 27.40
CA ILE B 285 -2.53 4.89 26.42
C ILE B 285 -2.84 3.54 27.07
N ILE B 286 -3.68 2.75 26.40
CA ILE B 286 -4.07 1.44 26.89
C ILE B 286 -3.90 0.42 25.76
N CYS B 287 -3.19 0.82 24.71
CA CYS B 287 -3.02 0.00 23.53
C CYS B 287 -1.57 -0.41 23.37
N GLY B 288 -1.33 -1.43 22.55
CA GLY B 288 -0.02 -2.04 22.43
C GLY B 288 0.99 -1.16 21.72
N ILE B 289 2.21 -1.67 21.66
CA ILE B 289 3.34 -1.01 21.01
C ILE B 289 3.87 -1.95 19.93
N THR B 290 4.03 -1.44 18.72
CA THR B 290 4.44 -2.26 17.59
C THR B 290 5.90 -2.10 17.22
N SER B 291 6.45 -0.90 17.34
CA SER B 291 7.84 -0.65 16.94
C SER B 291 8.49 0.34 17.90
N VAL B 292 9.78 0.14 18.14
CA VAL B 292 10.56 1.00 19.03
C VAL B 292 11.92 1.24 18.38
N SER B 293 12.36 2.49 18.37
CA SER B 293 13.67 2.83 17.83
C SER B 293 14.20 4.07 18.55
N PHE B 294 15.52 4.14 18.68
CA PHE B 294 16.17 5.25 19.35
C PHE B 294 16.51 6.33 18.33
N SER B 295 17.29 7.33 18.75
CA SER B 295 17.72 8.42 17.89
C SER B 295 19.22 8.31 17.62
N LYS B 296 19.77 9.33 16.95
CA LYS B 296 21.19 9.31 16.62
C LYS B 296 22.05 9.39 17.87
N SER B 297 21.64 10.18 18.85
CA SER B 297 22.38 10.35 20.10
C SER B 297 21.71 9.66 21.28
N GLY B 298 20.65 8.91 21.05
CA GLY B 298 19.98 8.22 22.13
C GLY B 298 19.23 9.11 23.09
N ARG B 299 18.58 10.16 22.58
CA ARG B 299 17.78 11.05 23.40
C ARG B 299 16.29 10.95 23.14
N LEU B 300 15.88 10.64 21.91
CA LEU B 300 14.49 10.49 21.56
C LEU B 300 14.20 9.02 21.28
N LEU B 301 13.18 8.48 21.94
CA LEU B 301 12.79 7.08 21.79
C LEU B 301 11.44 7.05 21.08
N LEU B 302 11.48 7.01 19.76
CA LEU B 302 10.25 6.93 18.98
C LEU B 302 9.59 5.57 19.18
N ALA B 303 8.29 5.58 19.43
CA ALA B 303 7.52 4.36 19.61
C ALA B 303 6.28 4.42 18.73
N GLY B 304 5.97 3.29 18.09
CA GLY B 304 4.81 3.24 17.23
C GLY B 304 3.64 2.50 17.85
N TYR B 305 2.65 3.24 18.31
CA TYR B 305 1.49 2.64 18.96
C TYR B 305 0.44 2.28 17.92
N ASP B 306 -0.38 1.27 18.25
CA ASP B 306 -1.39 0.75 17.35
C ASP B 306 -2.73 1.48 17.48
N ASP B 307 -2.73 2.70 18.03
CA ASP B 307 -3.92 3.55 18.05
C ASP B 307 -3.84 4.63 16.98
N PHE B 308 -3.25 4.31 15.84
CA PHE B 308 -3.15 5.13 14.62
C PHE B 308 -2.14 6.27 14.71
N ASN B 309 -1.32 6.32 15.75
CA ASN B 309 -0.33 7.38 15.86
C ASN B 309 0.87 6.88 16.65
N CYS B 310 1.97 7.63 16.56
CA CYS B 310 3.23 7.29 17.21
C CYS B 310 3.45 8.21 18.42
N ASN B 311 4.62 8.08 19.02
CA ASN B 311 5.02 8.90 20.15
C ASN B 311 6.52 9.16 20.08
N VAL B 312 6.93 10.24 20.75
CA VAL B 312 8.31 10.71 20.69
C VAL B 312 8.89 10.71 22.10
N TRP B 313 8.49 9.73 22.90
CA TRP B 313 8.91 9.59 24.28
C TRP B 313 10.39 9.94 24.47
N ASP B 314 10.66 10.81 25.44
CA ASP B 314 12.02 11.14 25.80
C ASP B 314 12.71 9.94 26.45
N ALA B 315 14.04 9.96 26.45
CA ALA B 315 14.79 8.82 26.96
C ALA B 315 15.16 9.01 28.44
N LEU B 316 15.68 10.18 28.78
CA LEU B 316 16.18 10.44 30.13
C LEU B 316 15.18 11.16 31.02
N LYS B 317 13.98 11.46 30.52
CA LYS B 317 12.97 12.16 31.29
C LYS B 317 11.66 11.40 31.44
N ALA B 318 11.43 10.37 30.62
CA ALA B 318 10.23 9.53 30.72
C ALA B 318 8.95 10.35 30.54
N ASP B 319 9.01 11.34 29.66
CA ASP B 319 7.84 12.17 29.37
C ASP B 319 7.65 12.27 27.86
N ARG B 320 6.41 12.48 27.45
CA ARG B 320 6.11 12.65 26.04
C ARG B 320 6.54 14.02 25.57
N ALA B 321 7.07 14.09 24.35
CA ALA B 321 7.56 15.35 23.80
C ALA B 321 7.11 15.54 22.35
N GLY B 322 6.05 14.89 21.93
CA GLY B 322 5.55 15.04 20.57
C GLY B 322 4.71 13.86 20.16
N VAL B 323 3.89 14.09 19.14
CA VAL B 323 2.99 13.06 18.61
C VAL B 323 2.99 13.19 17.09
N LEU B 324 3.31 12.09 16.40
CA LEU B 324 3.26 12.05 14.94
C LEU B 324 1.96 11.38 14.51
N ALA B 325 0.87 12.13 14.65
CA ALA B 325 -0.47 11.60 14.45
C ALA B 325 -0.92 11.63 12.99
N GLY B 326 0.02 11.71 12.04
CA GLY B 326 -0.36 11.76 10.65
C GLY B 326 -0.47 10.40 9.99
N HIS B 327 -1.33 9.53 10.51
CA HIS B 327 -1.56 8.23 9.94
C HIS B 327 -3.03 7.86 10.07
N ASP B 328 -3.46 6.90 9.25
CA ASP B 328 -4.85 6.47 9.20
C ASP B 328 -5.10 5.19 9.99
N ASN B 329 -4.29 4.16 9.75
CA ASN B 329 -4.44 2.88 10.43
C ASN B 329 -3.24 2.63 11.33
N ARG B 330 -3.20 1.46 11.95
CA ARG B 330 -2.14 1.12 12.88
C ARG B 330 -0.78 1.13 12.20
N VAL B 331 0.19 1.78 12.83
CA VAL B 331 1.57 1.73 12.35
C VAL B 331 2.19 0.40 12.78
N SER B 332 2.92 -0.24 11.86
CA SER B 332 3.48 -1.55 12.12
C SER B 332 5.00 -1.60 12.04
N CYS B 333 5.64 -0.53 11.60
CA CYS B 333 7.10 -0.54 11.43
C CYS B 333 7.59 0.89 11.24
N LEU B 334 8.71 1.20 11.88
CA LEU B 334 9.33 2.51 11.73
C LEU B 334 10.78 2.42 12.18
N GLY B 335 11.64 3.20 11.53
CA GLY B 335 13.05 3.19 11.85
C GLY B 335 13.77 4.49 11.55
N VAL B 336 14.64 4.91 12.45
CA VAL B 336 15.44 6.10 12.25
C VAL B 336 16.62 5.77 11.35
N THR B 337 16.93 6.66 10.42
CA THR B 337 17.99 6.41 9.46
C THR B 337 19.36 6.41 10.16
N ASP B 338 20.40 6.16 9.38
CA ASP B 338 21.74 5.98 9.95
C ASP B 338 22.31 7.31 10.45
N ASP B 339 22.27 8.34 9.62
CA ASP B 339 22.83 9.64 9.98
C ASP B 339 21.86 10.51 10.79
N GLY B 340 20.69 9.98 11.14
CA GLY B 340 19.74 10.73 11.93
C GLY B 340 19.15 11.94 11.23
N MET B 341 18.91 11.84 9.93
CA MET B 341 18.36 12.97 9.18
C MET B 341 16.84 12.94 9.09
N ALA B 342 16.24 11.76 9.12
CA ALA B 342 14.79 11.65 9.02
C ALA B 342 14.34 10.31 9.57
N VAL B 343 13.04 10.20 9.82
CA VAL B 343 12.43 8.95 10.25
C VAL B 343 11.36 8.57 9.23
N ALA B 344 11.00 7.29 9.22
CA ALA B 344 10.01 6.78 8.30
C ALA B 344 9.08 5.82 9.03
N THR B 345 7.77 6.02 8.87
CA THR B 345 6.77 5.18 9.52
C THR B 345 5.87 4.57 8.46
N GLY B 346 5.69 3.25 8.54
CA GLY B 346 4.81 2.57 7.62
C GLY B 346 3.65 1.90 8.34
N SER B 347 2.43 2.29 7.97
CA SER B 347 1.23 1.80 8.63
C SER B 347 0.48 0.84 7.72
N TRP B 348 -0.68 0.39 8.20
CA TRP B 348 -1.50 -0.58 7.47
C TRP B 348 -2.34 0.06 6.38
N ASP B 349 -2.22 1.36 6.16
CA ASP B 349 -2.96 2.03 5.09
C ASP B 349 -2.15 2.13 3.80
N SER B 350 -1.10 1.31 3.65
CA SER B 350 -0.26 1.27 2.45
C SER B 350 0.34 2.63 2.13
N PHE B 351 0.77 3.36 3.16
CA PHE B 351 1.36 4.69 3.00
C PHE B 351 2.56 4.82 3.91
N LEU B 352 3.73 5.08 3.32
CA LEU B 352 4.92 5.43 4.07
C LEU B 352 5.07 6.95 4.08
N LYS B 353 5.57 7.47 5.21
CA LYS B 353 5.76 8.90 5.36
C LYS B 353 7.13 9.16 5.97
N ILE B 354 7.82 10.17 5.46
CA ILE B 354 9.15 10.55 5.92
C ILE B 354 9.01 11.83 6.73
N TRP B 355 9.18 11.72 8.04
CA TRP B 355 9.11 12.87 8.93
C TRP B 355 10.51 13.43 9.17
N ASN B 356 10.57 14.72 9.49
CA ASN B 356 11.83 15.39 9.74
C ASN B 356 11.62 16.68 10.53
N THR C 6 12.02 -41.23 32.50
CA THR C 6 11.78 -39.80 32.60
C THR C 6 12.62 -39.03 31.58
N ALA C 7 12.16 -37.83 31.23
CA ALA C 7 12.88 -36.98 30.27
C ALA C 7 13.01 -35.52 30.69
N SER C 8 12.25 -35.05 31.68
CA SER C 8 12.38 -33.66 32.12
C SER C 8 13.55 -33.42 33.04
N ILE C 9 14.20 -34.49 33.54
CA ILE C 9 15.35 -34.30 34.41
C ILE C 9 16.51 -33.68 33.64
N ALA C 10 16.66 -34.04 32.36
CA ALA C 10 17.74 -33.47 31.56
C ALA C 10 17.55 -31.98 31.37
N GLN C 11 16.36 -31.55 30.97
CA GLN C 11 16.12 -30.12 30.79
C GLN C 11 16.14 -29.38 32.12
N ALA C 12 15.76 -30.04 33.22
CA ALA C 12 15.88 -29.41 34.53
C ALA C 12 17.33 -29.16 34.89
N ARG C 13 18.20 -30.16 34.67
CA ARG C 13 19.63 -29.98 34.92
C ARG C 13 20.20 -28.90 34.02
N LYS C 14 19.74 -28.84 32.77
CA LYS C 14 20.22 -27.81 31.84
C LYS C 14 19.82 -26.42 32.33
N LEU C 15 18.59 -26.27 32.80
CA LEU C 15 18.14 -24.98 33.33
C LEU C 15 18.92 -24.61 34.59
N VAL C 16 19.19 -25.59 35.45
CA VAL C 16 19.96 -25.32 36.66
C VAL C 16 21.38 -24.86 36.30
N GLU C 17 22.00 -25.53 35.32
CA GLU C 17 23.34 -25.13 34.90
C GLU C 17 23.33 -23.74 34.27
N GLN C 18 22.30 -23.42 33.49
CA GLN C 18 22.21 -22.10 32.89
C GLN C 18 22.05 -21.02 33.95
N LEU C 19 21.21 -21.28 34.96
CA LEU C 19 21.04 -20.31 36.04
C LEU C 19 22.33 -20.14 36.84
N LYS C 20 23.04 -21.24 37.07
CA LYS C 20 24.31 -21.16 37.80
C LYS C 20 25.35 -20.37 37.01
N MET C 21 25.37 -20.55 35.68
CA MET C 21 26.31 -19.81 34.85
C MET C 21 25.95 -18.33 34.80
N GLU C 22 24.64 -18.02 34.81
CA GLU C 22 24.22 -16.62 34.76
C GLU C 22 24.48 -15.91 36.09
N ALA C 23 24.33 -16.63 37.21
CA ALA C 23 24.50 -16.00 38.52
C ALA C 23 25.93 -15.56 38.81
N ASN C 24 26.91 -16.01 38.03
CA ASN C 24 28.31 -15.68 38.26
C ASN C 24 28.77 -14.46 37.46
N ILE C 25 27.85 -13.68 36.91
CA ILE C 25 28.23 -12.52 36.11
C ILE C 25 28.50 -11.34 37.04
N ASP C 26 29.27 -10.39 36.53
CA ASP C 26 29.63 -9.20 37.30
C ASP C 26 28.50 -8.18 37.24
N ARG C 27 28.36 -7.41 38.32
CA ARG C 27 27.31 -6.40 38.44
C ARG C 27 27.94 -5.04 38.69
N ILE C 28 27.37 -4.02 38.06
CA ILE C 28 27.83 -2.64 38.19
C ILE C 28 26.70 -1.83 38.83
N LYS C 29 27.07 -0.87 39.69
CA LYS C 29 26.08 -0.02 40.33
C LYS C 29 25.26 0.74 39.29
N VAL C 30 24.00 1.02 39.64
CA VAL C 30 23.11 1.70 38.70
C VAL C 30 23.54 3.14 38.50
N SER C 31 24.15 3.76 39.50
CA SER C 31 24.58 5.15 39.37
C SER C 31 25.62 5.31 38.28
N LYS C 32 26.59 4.39 38.21
CA LYS C 32 27.63 4.47 37.19
C LYS C 32 27.04 4.30 35.79
N ALA C 33 26.13 3.34 35.62
CA ALA C 33 25.52 3.13 34.31
C ALA C 33 24.69 4.32 33.89
N ALA C 34 23.91 4.90 34.82
CA ALA C 34 23.11 6.07 34.50
C ALA C 34 23.99 7.26 34.14
N ALA C 35 25.10 7.44 34.88
CA ALA C 35 26.01 8.54 34.58
C ALA C 35 26.66 8.35 33.21
N ASP C 36 27.03 7.11 32.87
CA ASP C 36 27.63 6.86 31.56
C ASP C 36 26.63 7.12 30.44
N LEU C 37 25.38 6.68 30.61
CA LEU C 37 24.37 6.94 29.60
C LEU C 37 24.12 8.44 29.44
N MET C 38 24.04 9.17 30.56
CA MET C 38 23.82 10.61 30.48
C MET C 38 25.00 11.31 29.81
N ALA C 39 26.23 10.89 30.11
CA ALA C 39 27.41 11.48 29.48
C ALA C 39 27.43 11.22 27.99
N TYR C 40 27.11 9.98 27.58
CA TYR C 40 27.06 9.68 26.15
C TYR C 40 25.98 10.48 25.45
N CYS C 41 24.82 10.65 26.09
CA CYS C 41 23.73 11.39 25.46
C CYS C 41 24.03 12.87 25.37
N GLU C 42 24.77 13.42 26.34
CA GLU C 42 25.12 14.83 26.31
C GLU C 42 26.32 15.13 25.42
N ALA C 43 27.19 14.15 25.20
CA ALA C 43 28.37 14.39 24.36
C ALA C 43 28.01 14.45 22.89
N HIS C 44 27.10 13.60 22.44
CA HIS C 44 26.71 13.52 21.03
C HIS C 44 25.44 14.33 20.73
N ALA C 45 25.09 15.28 21.59
CA ALA C 45 23.89 16.08 21.38
C ALA C 45 24.04 17.10 20.26
N LYS C 46 25.26 17.34 19.78
CA LYS C 46 25.45 18.33 18.73
C LYS C 46 25.16 17.75 17.35
N GLU C 47 25.48 16.48 17.13
CA GLU C 47 25.30 15.83 15.83
C GLU C 47 24.00 15.05 15.74
N ASP C 48 22.97 15.48 16.47
CA ASP C 48 21.67 14.82 16.42
C ASP C 48 20.66 15.75 15.75
N PRO C 49 20.33 15.54 14.48
CA PRO C 49 19.38 16.44 13.80
C PRO C 49 17.93 16.15 14.10
N LEU C 50 17.65 15.37 15.16
CA LEU C 50 16.28 15.10 15.54
C LEU C 50 15.76 16.15 16.51
N LEU C 51 16.42 16.31 17.66
CA LEU C 51 16.00 17.29 18.66
C LEU C 51 16.61 18.66 18.42
N THR C 52 17.68 18.76 17.64
CA THR C 52 18.31 20.03 17.35
C THR C 52 17.79 20.55 16.02
N PRO C 53 17.11 21.69 15.99
CA PRO C 53 16.58 22.19 14.71
C PRO C 53 17.70 22.60 13.77
N VAL C 54 17.55 22.20 12.50
CA VAL C 54 18.54 22.50 11.48
C VAL C 54 17.86 23.35 10.40
N PRO C 55 18.52 24.36 9.86
CA PRO C 55 17.89 25.17 8.80
C PRO C 55 17.59 24.35 7.56
N ALA C 56 16.58 24.79 6.81
CA ALA C 56 16.15 24.08 5.62
C ALA C 56 17.17 24.11 4.49
N SER C 57 18.23 24.91 4.63
CA SER C 57 19.27 24.96 3.61
C SER C 57 20.15 23.72 3.59
N GLU C 58 20.09 22.89 4.64
CA GLU C 58 20.90 21.68 4.70
C GLU C 58 20.09 20.39 4.78
N ASN C 59 18.78 20.47 4.98
CA ASN C 59 17.94 19.28 5.03
C ASN C 59 17.76 18.71 3.63
N PRO C 60 18.21 17.47 3.37
CA PRO C 60 17.96 16.88 2.04
C PRO C 60 16.50 16.57 1.78
N PHE C 61 15.67 16.54 2.81
CA PHE C 61 14.24 16.25 2.68
C PHE C 61 13.40 17.53 2.64
N ARG C 62 13.94 18.61 2.07
CA ARG C 62 13.21 19.86 1.98
C ARG C 62 11.95 19.68 1.13
N GLU C 63 10.99 20.58 1.35
CA GLU C 63 9.74 20.54 0.61
C GLU C 63 9.38 21.93 0.07
N TYR D 206 -36.87 49.60 -17.18
CA TYR D 206 -37.68 49.31 -16.00
C TYR D 206 -39.17 49.33 -16.35
N ASP D 207 -39.47 49.71 -17.59
CA ASP D 207 -40.85 49.76 -18.04
C ASP D 207 -41.39 48.39 -18.40
N ILE D 208 -40.51 47.46 -18.79
CA ILE D 208 -40.96 46.14 -19.22
C ILE D 208 -41.53 45.35 -18.03
N ILE D 209 -40.93 45.51 -16.84
CA ILE D 209 -41.36 44.74 -15.69
C ILE D 209 -42.81 45.07 -15.33
N VAL D 210 -43.09 46.36 -15.13
CA VAL D 210 -44.44 46.77 -14.74
C VAL D 210 -45.44 46.50 -15.85
N ARG D 211 -45.03 46.66 -17.11
CA ARG D 211 -45.94 46.38 -18.22
C ARG D 211 -46.33 44.92 -18.26
N HIS D 212 -45.34 44.02 -18.13
CA HIS D 212 -45.64 42.59 -18.16
C HIS D 212 -46.43 42.16 -16.94
N TYR D 213 -46.15 42.76 -15.78
CA TYR D 213 -46.90 42.42 -14.58
C TYR D 213 -48.34 42.91 -14.66
N ASN D 214 -48.58 44.03 -15.34
CA ASN D 214 -49.95 44.50 -15.52
C ASN D 214 -50.68 43.67 -16.56
N TYR D 215 -50.00 43.28 -17.63
CA TYR D 215 -50.64 42.45 -18.66
C TYR D 215 -50.90 41.05 -18.15
N THR D 216 -50.11 40.56 -17.20
CA THR D 216 -50.28 39.21 -16.69
C THR D 216 -51.37 39.13 -15.62
N GLY D 217 -51.45 40.12 -14.75
CA GLY D 217 -52.44 40.14 -13.69
C GLY D 217 -51.90 40.01 -12.29
N LYS D 218 -50.58 40.08 -12.11
CA LYS D 218 -49.96 40.00 -10.79
C LYS D 218 -49.63 41.43 -10.34
N LEU D 219 -50.37 41.92 -9.36
CA LEU D 219 -50.18 43.27 -8.84
C LEU D 219 -49.96 43.25 -7.33
N THR D 232 -47.43 34.40 6.31
CA THR D 232 -47.12 32.98 6.40
C THR D 232 -45.79 32.66 5.74
N SER D 233 -45.09 33.70 5.27
CA SER D 233 -43.81 33.50 4.60
C SER D 233 -42.70 33.25 5.61
N VAL D 234 -42.96 33.53 6.89
CA VAL D 234 -41.91 33.40 7.91
C VAL D 234 -41.63 31.94 8.22
N VAL D 235 -42.63 31.07 8.00
CA VAL D 235 -42.43 29.64 8.28
C VAL D 235 -41.61 28.99 7.17
N PHE D 236 -41.73 29.51 5.95
CA PHE D 236 -40.94 28.98 4.84
C PHE D 236 -39.46 29.26 5.03
N ILE D 237 -39.13 30.47 5.49
CA ILE D 237 -37.74 30.78 5.80
C ILE D 237 -37.23 29.90 6.94
N LEU D 238 -38.12 29.57 7.88
CA LEU D 238 -37.72 28.71 9.00
C LEU D 238 -37.40 27.30 8.52
N ILE D 239 -38.27 26.71 7.69
CA ILE D 239 -37.99 25.38 7.18
C ILE D 239 -36.79 25.39 6.25
N CYS D 240 -36.55 26.53 5.57
CA CYS D 240 -35.36 26.63 4.73
C CYS D 240 -34.09 26.64 5.57
N CYS D 241 -34.09 27.40 6.67
CA CYS D 241 -32.93 27.40 7.55
C CYS D 241 -32.73 26.02 8.17
N PHE D 242 -33.82 25.32 8.50
CA PHE D 242 -33.69 23.96 9.00
C PHE D 242 -33.09 23.03 7.96
N ILE D 243 -33.50 23.18 6.70
CA ILE D 243 -32.93 22.38 5.61
C ILE D 243 -31.43 22.66 5.49
N ILE D 244 -31.05 23.94 5.51
CA ILE D 244 -29.63 24.29 5.41
C ILE D 244 -28.85 23.68 6.55
N LEU D 245 -29.38 23.76 7.78
CA LEU D 245 -28.66 23.22 8.93
C LEU D 245 -28.51 21.70 8.83
N GLU D 246 -29.61 21.00 8.52
CA GLU D 246 -29.56 19.55 8.40
C GLU D 246 -28.59 19.13 7.31
N ASN D 247 -28.59 19.84 6.19
CA ASN D 247 -27.74 19.46 5.07
C ASN D 247 -26.28 19.74 5.35
N ILE D 248 -25.96 20.87 6.00
CA ILE D 248 -24.56 21.14 6.32
C ILE D 248 -24.07 20.17 7.38
N PHE D 249 -24.97 19.72 8.27
CA PHE D 249 -24.60 18.67 9.22
C PHE D 249 -24.28 17.37 8.49
N VAL D 250 -25.14 16.97 7.55
CA VAL D 250 -24.90 15.75 6.79
C VAL D 250 -23.59 15.86 6.00
N LEU D 251 -23.29 17.05 5.48
CA LEU D 251 -22.07 17.23 4.69
C LEU D 251 -20.83 17.17 5.57
N LEU D 252 -20.86 17.80 6.74
CA LEU D 252 -19.72 17.75 7.64
C LEU D 252 -19.54 16.36 8.22
N THR D 253 -20.62 15.57 8.28
CA THR D 253 -20.49 14.18 8.70
C THR D 253 -19.62 13.39 7.72
N ILE D 254 -19.85 13.60 6.41
CA ILE D 254 -19.05 12.91 5.40
C ILE D 254 -17.64 13.48 5.36
N TRP D 255 -17.52 14.80 5.47
CA TRP D 255 -16.21 15.45 5.29
C TRP D 255 -15.25 15.11 6.42
N LYS D 256 -15.74 15.08 7.66
CA LYS D 256 -14.83 14.89 8.79
C LYS D 256 -14.35 13.45 8.89
N THR D 257 -15.23 12.48 8.65
CA THR D 257 -14.87 11.07 8.77
C THR D 257 -14.02 10.65 7.58
N LYS D 258 -12.89 10.01 7.86
CA LYS D 258 -11.98 9.60 6.79
C LYS D 258 -12.48 8.34 6.09
N LYS D 259 -13.37 7.59 6.73
CA LYS D 259 -13.86 6.35 6.14
C LYS D 259 -14.72 6.62 4.90
N PHE D 260 -15.58 7.63 4.97
CA PHE D 260 -16.46 7.97 3.85
C PHE D 260 -15.70 8.83 2.84
N HIS D 261 -14.80 8.18 2.11
CA HIS D 261 -14.02 8.83 1.08
C HIS D 261 -14.02 8.07 -0.24
N ARG D 262 -14.85 7.03 -0.34
CA ARG D 262 -14.97 6.28 -1.58
C ARG D 262 -15.74 7.08 -2.61
N PRO D 263 -15.63 6.74 -3.90
CA PRO D 263 -16.37 7.51 -4.92
C PRO D 263 -17.88 7.51 -4.73
N MET D 264 -18.42 6.56 -3.96
CA MET D 264 -19.86 6.52 -3.77
C MET D 264 -20.35 7.68 -2.91
N TYR D 265 -19.70 7.91 -1.76
CA TYR D 265 -20.17 8.94 -0.85
C TYR D 265 -19.88 10.34 -1.38
N TYR D 266 -18.98 10.46 -2.36
CA TYR D 266 -18.76 11.75 -2.99
C TYR D 266 -20.00 12.21 -3.75
N PHE D 267 -20.76 11.26 -4.30
CA PHE D 267 -22.01 11.61 -4.95
C PHE D 267 -23.03 12.16 -3.96
N ILE D 268 -23.11 11.56 -2.77
CA ILE D 268 -24.02 12.07 -1.75
C ILE D 268 -23.55 13.44 -1.25
N GLY D 269 -22.23 13.64 -1.15
CA GLY D 269 -21.73 14.96 -0.81
C GLY D 269 -22.08 16.00 -1.85
N ASN D 270 -22.00 15.62 -3.13
CA ASN D 270 -22.40 16.54 -4.20
C ASN D 270 -23.89 16.85 -4.12
N LEU D 271 -24.72 15.83 -3.83
CA LEU D 271 -26.14 16.07 -3.66
C LEU D 271 -26.42 17.03 -2.51
N ALA D 272 -25.69 16.88 -1.40
CA ALA D 272 -25.85 17.80 -0.27
C ALA D 272 -25.40 19.20 -0.65
N LEU D 273 -24.29 19.34 -1.37
CA LEU D 273 -23.85 20.65 -1.81
C LEU D 273 -24.87 21.31 -2.72
N SER D 274 -25.51 20.53 -3.59
CA SER D 274 -26.53 21.08 -4.48
C SER D 274 -27.79 21.45 -3.71
N ASP D 275 -28.13 20.67 -2.68
CA ASP D 275 -29.29 21.00 -1.86
C ASP D 275 -29.07 22.28 -1.05
N LEU D 276 -27.84 22.48 -0.58
CA LEU D 276 -27.53 23.70 0.15
C LEU D 276 -27.71 24.93 -0.73
N LEU D 277 -27.21 24.87 -1.96
CA LEU D 277 -27.40 25.97 -2.90
C LEU D 277 -28.87 26.18 -3.21
N ALA D 278 -29.65 25.10 -3.30
CA ALA D 278 -31.08 25.23 -3.55
C ALA D 278 -31.78 25.94 -2.41
N GLY D 279 -31.47 25.56 -1.17
CA GLY D 279 -32.07 26.23 -0.03
C GLY D 279 -31.69 27.70 0.05
N VAL D 280 -30.41 28.00 -0.19
CA VAL D 280 -29.97 29.39 -0.16
C VAL D 280 -30.64 30.21 -1.26
N ALA D 281 -30.74 29.65 -2.46
CA ALA D 281 -31.40 30.36 -3.55
C ALA D 281 -32.87 30.57 -3.26
N TYR D 282 -33.53 29.59 -2.62
CA TYR D 282 -34.95 29.75 -2.33
C TYR D 282 -35.18 30.79 -1.25
N THR D 283 -34.36 30.83 -0.20
CA THR D 283 -34.56 31.84 0.82
C THR D 283 -34.21 33.23 0.28
N ALA D 284 -33.23 33.32 -0.63
CA ALA D 284 -32.94 34.59 -1.26
C ALA D 284 -34.09 35.04 -2.15
N ASN D 285 -34.70 34.11 -2.89
CA ASN D 285 -35.86 34.46 -3.71
C ASN D 285 -37.03 34.91 -2.84
N LEU D 286 -37.23 34.25 -1.70
CA LEU D 286 -38.32 34.64 -0.81
C LEU D 286 -38.09 36.02 -0.20
N LEU D 287 -36.84 36.31 0.18
CA LEU D 287 -36.54 37.63 0.71
C LEU D 287 -36.67 38.70 -0.36
N LEU D 288 -36.29 38.38 -1.59
CA LEU D 288 -36.37 39.37 -2.67
C LEU D 288 -37.80 39.55 -3.16
N SER D 289 -38.63 38.52 -3.03
CA SER D 289 -40.01 38.62 -3.47
C SER D 289 -40.78 39.59 -2.58
N GLY D 290 -41.60 40.43 -3.20
CA GLY D 290 -42.38 41.41 -2.47
C GLY D 290 -42.63 42.68 -3.26
N ALA D 291 -42.58 43.82 -2.59
CA ALA D 291 -42.82 45.09 -3.27
C ALA D 291 -41.57 45.60 -3.97
N THR D 292 -40.41 45.07 -3.60
CA THR D 292 -39.16 45.55 -4.19
C THR D 292 -38.93 44.97 -5.58
N THR D 293 -39.72 43.96 -5.97
CA THR D 293 -39.52 43.35 -7.29
C THR D 293 -39.99 44.26 -8.41
N TYR D 294 -40.83 45.25 -8.09
CA TYR D 294 -41.34 46.15 -9.12
C TYR D 294 -40.26 47.12 -9.59
N LYS D 295 -39.47 47.65 -8.65
CA LYS D 295 -38.38 48.55 -9.00
C LYS D 295 -37.05 47.83 -9.17
N LEU D 296 -37.04 46.50 -9.06
CA LEU D 296 -35.80 45.75 -9.23
C LEU D 296 -35.49 45.58 -10.71
N THR D 297 -34.21 45.68 -11.05
CA THR D 297 -33.79 45.68 -12.45
C THR D 297 -34.07 44.33 -13.11
N PRO D 298 -34.42 44.32 -14.40
CA PRO D 298 -34.69 43.04 -15.07
C PRO D 298 -33.50 42.09 -15.07
N ALA D 299 -32.28 42.63 -15.00
CA ALA D 299 -31.09 41.75 -14.95
C ALA D 299 -31.11 40.89 -13.69
N GLN D 300 -31.31 41.51 -12.52
CA GLN D 300 -31.39 40.75 -11.29
C GLN D 300 -32.62 39.84 -11.30
N TRP D 301 -33.70 40.28 -11.93
CA TRP D 301 -34.89 39.45 -12.03
C TRP D 301 -34.60 38.16 -12.78
N PHE D 302 -33.89 38.25 -13.91
CA PHE D 302 -33.51 37.05 -14.64
C PHE D 302 -32.50 36.22 -13.85
N LEU D 303 -31.56 36.88 -13.17
CA LEU D 303 -30.50 36.16 -12.47
C LEU D 303 -31.05 35.35 -11.30
N ARG D 304 -32.05 35.88 -10.61
CA ARG D 304 -32.64 35.15 -9.48
C ARG D 304 -33.30 33.86 -9.94
N GLU D 305 -34.15 33.96 -10.97
CA GLU D 305 -34.80 32.77 -11.51
C GLU D 305 -33.79 31.80 -12.09
N GLY D 306 -32.73 32.32 -12.72
CA GLY D 306 -31.67 31.44 -13.22
C GLY D 306 -30.97 30.69 -12.11
N SER D 307 -30.73 31.36 -10.98
CA SER D 307 -30.12 30.69 -9.84
C SER D 307 -31.03 29.60 -9.28
N MET D 308 -32.33 29.90 -9.16
CA MET D 308 -33.27 28.88 -8.70
C MET D 308 -33.27 27.68 -9.64
N PHE D 309 -33.29 27.94 -10.94
CA PHE D 309 -33.35 26.86 -11.92
C PHE D 309 -32.08 26.02 -11.90
N VAL D 310 -30.91 26.66 -11.84
CA VAL D 310 -29.66 25.89 -11.82
C VAL D 310 -29.56 25.08 -10.55
N ALA D 311 -30.04 25.62 -9.42
CA ALA D 311 -30.03 24.85 -8.18
C ALA D 311 -30.90 23.60 -8.29
N LEU D 312 -32.14 23.77 -8.75
CA LEU D 312 -33.03 22.61 -8.85
C LEU D 312 -32.51 21.59 -9.87
N SER D 313 -31.99 22.07 -11.00
CA SER D 313 -31.48 21.16 -12.01
C SER D 313 -30.25 20.41 -11.50
N ALA D 314 -29.38 21.09 -10.74
CA ALA D 314 -28.23 20.42 -10.17
C ALA D 314 -28.66 19.36 -9.17
N SER D 315 -29.70 19.64 -8.38
CA SER D 315 -30.22 18.64 -7.46
C SER D 315 -30.72 17.40 -8.20
N VAL D 316 -31.56 17.60 -9.21
CA VAL D 316 -32.13 16.46 -9.92
C VAL D 316 -31.04 15.69 -10.66
N PHE D 317 -30.08 16.39 -11.25
CA PHE D 317 -29.03 15.71 -12.01
C PHE D 317 -28.06 14.98 -11.09
N SER D 318 -27.85 15.49 -9.88
CA SER D 318 -27.02 14.76 -8.92
C SER D 318 -27.73 13.51 -8.44
N LEU D 319 -29.06 13.59 -8.25
CA LEU D 319 -29.82 12.39 -7.95
C LEU D 319 -29.70 11.36 -9.07
N LEU D 320 -29.82 11.81 -10.32
CA LEU D 320 -29.62 10.91 -11.46
C LEU D 320 -28.22 10.31 -11.51
N ALA D 321 -27.19 11.09 -11.18
CA ALA D 321 -25.84 10.56 -11.14
C ALA D 321 -25.67 9.52 -10.04
N ILE D 322 -26.29 9.74 -8.87
CA ILE D 322 -26.26 8.74 -7.81
C ILE D 322 -26.88 7.43 -8.31
N ALA D 323 -28.06 7.52 -8.93
CA ALA D 323 -28.70 6.33 -9.47
C ALA D 323 -27.85 5.65 -10.54
N ILE D 324 -27.19 6.42 -11.41
CA ILE D 324 -26.35 5.84 -12.45
C ILE D 324 -25.18 5.09 -11.84
N GLU D 325 -24.50 5.70 -10.86
CA GLU D 325 -23.37 5.04 -10.22
C GLU D 325 -23.82 3.78 -9.49
N ARG D 326 -24.99 3.82 -8.84
CA ARG D 326 -25.49 2.62 -8.18
C ARG D 326 -25.76 1.50 -9.18
N TYR D 327 -26.42 1.83 -10.29
CA TYR D 327 -26.70 0.82 -11.30
C TYR D 327 -25.40 0.24 -11.87
N ILE D 328 -24.39 1.09 -12.08
CA ILE D 328 -23.13 0.61 -12.63
C ILE D 328 -22.42 -0.31 -11.64
N THR D 329 -22.38 0.09 -10.36
CA THR D 329 -21.67 -0.75 -9.38
C THR D 329 -22.44 -2.02 -9.07
N MET D 330 -23.74 -2.07 -9.34
CA MET D 330 -24.50 -3.28 -9.11
C MET D 330 -24.56 -4.19 -10.33
N LEU D 331 -24.35 -3.65 -11.54
CA LEU D 331 -24.42 -4.47 -12.74
C LEU D 331 -23.31 -5.50 -12.77
N LYS D 332 -22.10 -5.12 -12.40
CA LYS D 332 -20.94 -6.01 -12.44
C LYS D 332 -20.39 -6.16 -11.02
N MET D 333 -20.18 -7.42 -10.61
CA MET D 333 -19.63 -7.72 -9.28
C MET D 333 -18.14 -7.42 -9.31
N LYS D 334 -17.80 -6.15 -9.10
CA LYS D 334 -16.41 -5.73 -9.18
C LYS D 334 -15.60 -6.21 -7.98
N LEU D 335 -16.30 -6.55 -6.89
CA LEU D 335 -15.78 -7.21 -5.69
C LEU D 335 -14.91 -6.29 -4.82
N HIS D 336 -14.59 -5.09 -5.28
CA HIS D 336 -13.78 -4.16 -4.50
C HIS D 336 -14.23 -2.74 -4.79
N ASN D 337 -14.30 -1.92 -3.73
CA ASN D 337 -14.88 -0.58 -3.87
C ASN D 337 -13.97 0.35 -4.67
N GLY D 338 -12.75 -0.08 -4.97
CA GLY D 338 -11.85 0.74 -5.75
C GLY D 338 -12.38 0.98 -7.15
N SER D 339 -12.56 2.24 -7.50
CA SER D 339 -13.09 2.64 -8.79
C SER D 339 -12.34 3.87 -9.30
N ASN D 340 -12.41 4.07 -10.61
CA ASN D 340 -11.73 5.21 -11.22
C ASN D 340 -12.48 6.51 -10.93
N ASN D 341 -11.73 7.56 -10.64
CA ASN D 341 -12.31 8.88 -10.39
C ASN D 341 -12.68 9.61 -11.68
N PHE D 342 -12.30 9.07 -12.85
CA PHE D 342 -12.64 9.71 -14.10
C PHE D 342 -14.14 9.79 -14.29
N ARG D 343 -14.85 8.68 -14.05
CA ARG D 343 -16.30 8.68 -14.21
C ARG D 343 -16.96 9.61 -13.20
N LEU D 344 -16.48 9.61 -11.96
CA LEU D 344 -17.02 10.51 -10.94
C LEU D 344 -16.89 11.97 -11.38
N PHE D 345 -15.68 12.38 -11.76
CA PHE D 345 -15.46 13.77 -12.17
C PHE D 345 -16.27 14.11 -13.42
N LEU D 346 -16.35 13.18 -14.38
CA LEU D 346 -17.13 13.44 -15.58
C LEU D 346 -18.60 13.65 -15.25
N LEU D 347 -19.18 12.78 -14.43
CA LEU D 347 -20.59 12.92 -14.08
C LEU D 347 -20.85 14.21 -13.32
N ILE D 348 -20.00 14.54 -12.35
CA ILE D 348 -20.20 15.75 -11.56
C ILE D 348 -20.13 16.99 -12.46
N SER D 349 -19.05 17.08 -13.26
CA SER D 349 -18.90 18.24 -14.14
C SER D 349 -20.04 18.33 -15.14
N ALA D 350 -20.46 17.20 -15.70
CA ALA D 350 -21.54 17.22 -16.68
C ALA D 350 -22.83 17.72 -16.06
N CYS D 351 -23.21 17.18 -14.89
CA CYS D 351 -24.44 17.62 -14.26
C CYS D 351 -24.39 19.10 -13.91
N TRP D 352 -23.24 19.56 -13.40
CA TRP D 352 -23.14 20.96 -13.00
C TRP D 352 -23.22 21.89 -14.21
N VAL D 353 -22.51 21.58 -15.29
CA VAL D 353 -22.53 22.46 -16.45
C VAL D 353 -23.88 22.41 -17.15
N ILE D 354 -24.56 21.26 -17.12
CA ILE D 354 -25.89 21.21 -17.72
C ILE D 354 -26.88 22.04 -16.91
N SER D 355 -26.80 21.97 -15.57
CA SER D 355 -27.65 22.82 -14.76
C SER D 355 -27.36 24.29 -15.00
N LEU D 356 -26.07 24.65 -15.12
CA LEU D 356 -25.72 26.05 -15.35
C LEU D 356 -26.22 26.54 -16.70
N ILE D 357 -26.09 25.72 -17.75
CA ILE D 357 -26.58 26.09 -19.06
C ILE D 357 -28.10 26.23 -19.04
N LEU D 358 -28.79 25.31 -18.36
CA LEU D 358 -30.25 25.39 -18.28
C LEU D 358 -30.69 26.63 -17.52
N GLY D 359 -29.91 27.05 -16.53
CA GLY D 359 -30.27 28.25 -15.79
C GLY D 359 -29.96 29.53 -16.55
N GLY D 360 -28.89 29.53 -17.34
CA GLY D 360 -28.48 30.71 -18.08
C GLY D 360 -29.08 30.88 -19.46
N LEU D 361 -29.72 29.84 -20.00
CA LEU D 361 -30.31 29.94 -21.33
C LEU D 361 -31.41 31.00 -21.45
N PRO D 362 -32.31 31.19 -20.47
CA PRO D 362 -33.38 32.19 -20.67
C PRO D 362 -32.86 33.61 -20.86
N ILE D 363 -31.67 33.92 -20.37
CA ILE D 363 -31.13 35.27 -20.55
C ILE D 363 -30.76 35.48 -22.02
N MET D 364 -30.23 34.44 -22.68
CA MET D 364 -29.88 34.57 -24.09
C MET D 364 -31.12 34.62 -24.97
N GLY D 365 -32.06 33.68 -24.78
CA GLY D 365 -33.22 33.60 -25.64
C GLY D 365 -34.48 33.34 -24.83
N TRP D 366 -35.62 33.55 -25.50
CA TRP D 366 -36.94 33.36 -24.89
C TRP D 366 -37.14 34.31 -23.71
N ASN D 367 -36.92 35.60 -23.95
CA ASN D 367 -37.00 36.57 -22.85
C ASN D 367 -38.37 37.25 -22.80
N CYS D 368 -39.14 37.16 -23.89
CA CYS D 368 -40.46 37.78 -24.06
C CYS D 368 -40.37 39.30 -24.11
N ILE D 369 -39.18 39.86 -24.32
CA ILE D 369 -39.06 41.30 -24.49
C ILE D 369 -39.73 41.75 -25.78
N SER D 370 -39.60 40.95 -26.83
CA SER D 370 -40.25 41.28 -28.10
C SER D 370 -41.69 40.81 -28.11
N ALA D 371 -41.94 39.58 -27.65
CA ALA D 371 -43.29 39.03 -27.63
C ALA D 371 -44.13 39.70 -26.55
N LEU D 372 -45.44 39.48 -26.64
CA LEU D 372 -46.40 40.07 -25.71
C LEU D 372 -47.18 39.02 -24.93
N SER D 373 -47.63 37.96 -25.59
CA SER D 373 -48.43 36.92 -24.95
C SER D 373 -47.73 35.56 -24.96
N SER D 374 -46.51 35.48 -25.48
CA SER D 374 -45.84 34.19 -25.59
C SER D 374 -45.34 33.71 -24.24
N CYS D 375 -44.92 34.62 -23.38
CA CYS D 375 -44.34 34.24 -22.10
C CYS D 375 -45.41 33.78 -21.12
N SER D 376 -44.96 33.16 -20.03
CA SER D 376 -45.83 32.41 -19.14
C SER D 376 -46.63 33.34 -18.23
N THR D 377 -47.70 32.77 -17.64
CA THR D 377 -48.55 33.54 -16.73
C THR D 377 -48.08 33.38 -15.28
N VAL D 378 -47.62 32.18 -14.91
CA VAL D 378 -47.24 31.94 -13.53
C VAL D 378 -46.00 32.75 -13.16
N LEU D 379 -45.11 32.97 -14.14
CA LEU D 379 -43.98 33.88 -13.96
C LEU D 379 -43.70 34.51 -15.33
N PRO D 380 -43.69 35.84 -15.43
CA PRO D 380 -43.58 36.46 -16.76
C PRO D 380 -42.16 36.36 -17.32
N LEU D 381 -42.01 36.88 -18.53
CA LEU D 381 -40.71 37.01 -19.20
C LEU D 381 -40.09 35.65 -19.53
N TYR D 382 -40.89 34.59 -19.42
CA TYR D 382 -40.43 33.24 -19.72
C TYR D 382 -41.37 32.58 -20.72
N HIS D 383 -40.84 32.24 -21.88
CA HIS D 383 -41.64 31.70 -22.98
C HIS D 383 -42.25 30.35 -22.60
N LYS D 384 -43.30 29.98 -23.33
CA LYS D 384 -43.86 28.64 -23.19
C LYS D 384 -42.85 27.57 -23.61
N HIS D 385 -41.98 27.92 -24.56
CA HIS D 385 -41.05 26.93 -25.11
C HIS D 385 -40.03 26.47 -24.06
N TYR D 386 -39.50 27.41 -23.27
CA TYR D 386 -38.55 27.05 -22.24
C TYR D 386 -39.21 26.21 -21.14
N ILE D 387 -40.44 26.56 -20.77
CA ILE D 387 -41.16 25.80 -19.75
C ILE D 387 -41.41 24.37 -20.24
N LEU D 388 -41.84 24.23 -21.50
CA LEU D 388 -42.07 22.91 -22.06
C LEU D 388 -40.78 22.11 -22.18
N PHE D 389 -39.67 22.77 -22.52
CA PHE D 389 -38.38 22.09 -22.61
C PHE D 389 -37.96 21.57 -21.24
N CYS D 390 -38.08 22.39 -20.20
CA CYS D 390 -37.78 21.93 -18.85
C CYS D 390 -38.71 20.80 -18.43
N THR D 391 -39.97 20.86 -18.85
CA THR D 391 -40.92 19.79 -18.55
C THR D 391 -40.47 18.47 -19.16
N THR D 392 -40.11 18.48 -20.45
CA THR D 392 -39.66 17.25 -21.09
C THR D 392 -38.35 16.75 -20.48
N VAL D 393 -37.46 17.67 -20.10
CA VAL D 393 -36.21 17.26 -19.47
C VAL D 393 -36.48 16.56 -18.14
N PHE D 394 -37.37 17.12 -17.32
CA PHE D 394 -37.68 16.49 -16.04
C PHE D 394 -38.38 15.16 -16.24
N THR D 395 -39.25 15.07 -17.25
CA THR D 395 -39.91 13.80 -17.53
C THR D 395 -38.90 12.72 -17.93
N LEU D 396 -37.95 13.09 -18.79
CA LEU D 396 -36.92 12.12 -19.18
C LEU D 396 -36.07 11.70 -17.99
N LEU D 397 -35.71 12.65 -17.12
CA LEU D 397 -34.89 12.30 -15.96
C LEU D 397 -35.65 11.38 -15.00
N LEU D 398 -36.94 11.66 -14.77
CA LEU D 398 -37.72 10.80 -13.90
C LEU D 398 -37.87 9.40 -14.49
N LEU D 399 -38.12 9.32 -15.80
CA LEU D 399 -38.21 8.02 -16.45
C LEU D 399 -36.92 7.23 -16.32
N SER D 400 -35.78 7.91 -16.52
CA SER D 400 -34.49 7.24 -16.38
C SER D 400 -34.27 6.76 -14.96
N ILE D 401 -34.64 7.57 -13.97
CA ILE D 401 -34.49 7.17 -12.57
C ILE D 401 -35.30 5.93 -12.28
N VAL D 402 -36.58 5.92 -12.68
CA VAL D 402 -37.44 4.77 -12.42
C VAL D 402 -36.92 3.53 -13.11
N ILE D 403 -36.49 3.66 -14.37
CA ILE D 403 -35.97 2.51 -15.10
C ILE D 403 -34.72 1.96 -14.42
N LEU D 404 -33.81 2.83 -14.01
CA LEU D 404 -32.57 2.38 -13.40
C LEU D 404 -32.82 1.68 -12.07
N TYR D 405 -33.73 2.22 -11.26
CA TYR D 405 -34.00 1.57 -9.98
C TYR D 405 -34.75 0.24 -10.16
N CYS D 406 -35.69 0.19 -11.11
CA CYS D 406 -36.36 -1.08 -11.38
C CYS D 406 -35.36 -2.13 -11.85
N ARG D 407 -34.39 -1.73 -12.67
CA ARG D 407 -33.39 -2.69 -13.13
C ARG D 407 -32.46 -3.12 -12.00
N ILE D 408 -32.07 -2.18 -11.14
CA ILE D 408 -31.12 -2.46 -10.07
C ILE D 408 -31.78 -3.35 -9.03
N TYR D 409 -33.12 -3.35 -8.99
CA TYR D 409 -33.83 -4.29 -8.13
C TYR D 409 -34.02 -5.64 -8.80
N SER D 410 -34.43 -5.65 -10.07
CA SER D 410 -34.69 -6.91 -10.77
C SER D 410 -33.41 -7.73 -10.89
N LEU D 411 -32.26 -7.07 -11.06
CA LEU D 411 -31.00 -7.79 -11.17
C LEU D 411 -30.70 -8.57 -9.89
N VAL D 412 -30.79 -7.91 -8.73
CA VAL D 412 -30.53 -8.59 -7.47
C VAL D 412 -31.58 -9.64 -7.19
N ARG D 413 -32.83 -9.39 -7.61
CA ARG D 413 -33.88 -10.37 -7.36
C ARG D 413 -33.68 -11.63 -8.20
N THR D 414 -33.19 -11.48 -9.44
CA THR D 414 -33.06 -12.64 -10.31
C THR D 414 -31.74 -13.37 -10.09
N ARG D 415 -30.72 -12.66 -9.60
CA ARG D 415 -29.43 -13.31 -9.37
C ARG D 415 -29.46 -14.17 -8.11
N SER D 416 -30.25 -13.75 -7.12
CA SER D 416 -30.25 -14.46 -5.84
C SER D 416 -31.01 -15.78 -5.91
N ARG D 417 -32.09 -15.82 -6.69
CA ARG D 417 -32.99 -16.97 -6.63
C ARG D 417 -32.45 -18.16 -7.43
N ARG D 418 -31.83 -17.90 -8.58
CA ARG D 418 -31.45 -18.97 -9.50
C ARG D 418 -30.01 -19.44 -9.31
N LEU D 419 -29.07 -18.58 -8.95
CA LEU D 419 -27.69 -19.04 -8.89
C LEU D 419 -27.21 -19.39 -7.49
N THR D 420 -27.97 -18.98 -6.48
CA THR D 420 -27.59 -19.27 -5.14
C THR D 420 -28.79 -19.93 -4.55
N PHE D 421 -29.22 -20.99 -5.21
CA PHE D 421 -30.38 -21.76 -4.79
C PHE D 421 -30.41 -22.60 -3.51
N ARG D 422 -29.32 -23.31 -3.25
CA ARG D 422 -29.28 -24.30 -2.17
C ARG D 422 -28.87 -23.95 -0.75
N LYS D 423 -28.52 -22.70 -0.46
CA LYS D 423 -28.00 -22.38 0.86
C LYS D 423 -28.88 -22.73 2.03
N ASN D 424 -28.21 -23.17 3.08
CA ASN D 424 -28.81 -23.54 4.37
C ASN D 424 -28.62 -22.40 5.38
N ILE D 425 -28.25 -21.23 4.86
CA ILE D 425 -28.00 -19.97 5.57
C ILE D 425 -28.50 -19.83 7.01
N SER D 432 -35.34 -13.86 -1.27
CA SER D 432 -35.50 -14.13 0.15
C SER D 432 -35.43 -12.84 0.96
N GLU D 433 -34.71 -12.88 2.08
CA GLU D 433 -34.59 -11.71 2.93
C GLU D 433 -33.90 -10.54 2.25
N LYS D 434 -32.90 -10.81 1.42
CA LYS D 434 -32.18 -9.72 0.75
C LYS D 434 -33.06 -8.91 -0.17
N SER D 435 -33.87 -9.58 -0.98
CA SER D 435 -34.76 -8.89 -1.90
C SER D 435 -35.87 -8.09 -1.25
N LEU D 436 -36.48 -8.63 -0.20
CA LEU D 436 -37.56 -7.91 0.46
C LEU D 436 -37.07 -6.61 1.07
N ALA D 437 -35.90 -6.64 1.68
CA ALA D 437 -35.33 -5.45 2.28
C ALA D 437 -35.02 -4.39 1.23
N LEU D 438 -34.57 -4.81 0.06
CA LEU D 438 -34.25 -3.88 -1.02
C LEU D 438 -35.46 -3.14 -1.58
N LEU D 439 -36.44 -3.87 -2.11
CA LEU D 439 -37.67 -3.34 -2.69
C LEU D 439 -38.26 -2.25 -1.81
N LYS D 440 -38.21 -2.42 -0.49
CA LYS D 440 -38.70 -1.39 0.41
C LYS D 440 -37.94 -0.09 0.23
N THR D 441 -36.61 -0.16 0.17
CA THR D 441 -35.81 1.04 -0.03
C THR D 441 -36.11 1.70 -1.36
N VAL D 442 -36.19 0.91 -2.43
CA VAL D 442 -36.44 1.46 -3.75
C VAL D 442 -37.80 2.13 -3.82
N ILE D 443 -38.83 1.47 -3.26
CA ILE D 443 -40.18 2.03 -3.33
C ILE D 443 -40.27 3.27 -2.45
N ILE D 444 -39.57 3.32 -1.32
CA ILE D 444 -39.59 4.51 -0.48
C ILE D 444 -38.96 5.69 -1.24
N VAL D 445 -37.80 5.45 -1.85
CA VAL D 445 -37.12 6.51 -2.58
C VAL D 445 -38.00 7.03 -3.71
N LEU D 446 -38.57 6.12 -4.51
CA LEU D 446 -39.36 6.54 -5.66
C LEU D 446 -40.65 7.23 -5.23
N SER D 447 -41.31 6.73 -4.18
CA SER D 447 -42.55 7.33 -3.73
C SER D 447 -42.33 8.70 -3.11
N VAL D 448 -41.17 8.92 -2.49
CA VAL D 448 -40.91 10.26 -1.95
C VAL D 448 -40.51 11.22 -3.06
N PHE D 449 -39.76 10.74 -4.06
CA PHE D 449 -39.31 11.63 -5.12
C PHE D 449 -40.46 12.03 -6.04
N ILE D 450 -41.33 11.08 -6.38
CA ILE D 450 -42.38 11.37 -7.35
C ILE D 450 -43.52 12.16 -6.73
N ALA D 451 -43.87 11.86 -5.47
CA ALA D 451 -45.02 12.52 -4.86
C ALA D 451 -44.73 13.99 -4.57
N CYS D 452 -43.48 14.32 -4.28
CA CYS D 452 -43.11 15.70 -3.94
C CYS D 452 -42.77 16.55 -5.15
N TRP D 453 -42.75 15.96 -6.35
CA TRP D 453 -42.48 16.70 -7.57
C TRP D 453 -43.65 16.67 -8.55
N ALA D 454 -44.78 16.10 -8.16
CA ALA D 454 -45.96 16.03 -9.01
C ALA D 454 -46.73 17.34 -9.08
N PRO D 455 -46.96 18.05 -7.95
CA PRO D 455 -47.71 19.31 -8.06
C PRO D 455 -47.02 20.35 -8.93
N LEU D 456 -45.71 20.54 -8.77
CA LEU D 456 -45.01 21.52 -9.59
C LEU D 456 -45.03 21.14 -11.07
N PHE D 457 -44.90 19.85 -11.35
CA PHE D 457 -44.97 19.37 -12.73
C PHE D 457 -46.35 19.64 -13.33
N ILE D 458 -47.41 19.34 -12.58
CA ILE D 458 -48.76 19.58 -13.08
C ILE D 458 -48.99 21.08 -13.29
N LEU D 459 -48.44 21.90 -12.40
CA LEU D 459 -48.59 23.35 -12.53
C LEU D 459 -47.90 23.87 -13.78
N LEU D 460 -46.65 23.46 -14.00
CA LEU D 460 -45.91 23.91 -15.17
C LEU D 460 -46.45 23.32 -16.47
N LEU D 461 -47.15 22.19 -16.41
CA LEU D 461 -47.77 21.64 -17.60
C LEU D 461 -49.13 22.28 -17.89
N LEU D 462 -49.83 22.74 -16.86
CA LEU D 462 -51.10 23.42 -17.05
C LEU D 462 -50.89 24.89 -17.45
N ASP D 463 -49.78 25.48 -17.02
CA ASP D 463 -49.50 26.86 -17.35
C ASP D 463 -49.36 27.08 -18.84
N VAL D 464 -48.83 26.08 -19.56
CA VAL D 464 -48.68 26.22 -21.01
C VAL D 464 -50.03 26.17 -21.70
N GLY D 465 -50.99 25.45 -21.12
CA GLY D 465 -52.29 25.29 -21.72
C GLY D 465 -53.34 26.26 -21.22
N CYS D 466 -53.27 26.61 -19.93
CA CYS D 466 -54.25 27.52 -19.35
C CYS D 466 -54.06 28.92 -19.93
N LYS D 467 -55.15 29.49 -20.45
CA LYS D 467 -55.09 30.78 -21.11
C LYS D 467 -54.85 31.89 -20.09
N VAL D 468 -54.47 33.07 -20.59
CA VAL D 468 -54.18 34.20 -19.74
C VAL D 468 -55.46 34.94 -19.40
N LYS D 469 -55.42 35.72 -18.32
CA LYS D 469 -56.54 36.54 -17.84
C LYS D 469 -57.75 35.70 -17.43
N THR D 470 -57.62 34.37 -17.44
CA THR D 470 -58.73 33.49 -17.08
C THR D 470 -58.31 32.35 -16.16
N CYS D 471 -57.06 32.30 -15.70
CA CYS D 471 -56.55 31.18 -14.93
C CYS D 471 -56.34 31.63 -13.49
N ASP D 472 -56.83 30.84 -12.54
CA ASP D 472 -56.84 31.22 -11.13
C ASP D 472 -55.73 30.53 -10.35
N ILE D 473 -55.49 29.26 -10.61
CA ILE D 473 -54.57 28.47 -9.78
C ILE D 473 -53.15 29.00 -9.85
N LEU D 474 -52.76 29.60 -10.98
CA LEU D 474 -51.38 30.03 -11.14
C LEU D 474 -51.04 31.18 -10.21
N PHE D 475 -52.05 31.90 -9.72
CA PHE D 475 -51.79 33.03 -8.83
C PHE D 475 -51.17 32.58 -7.52
N ARG D 476 -51.75 31.55 -6.88
CA ARG D 476 -51.25 31.04 -5.62
C ARG D 476 -50.35 29.83 -5.88
N ALA D 477 -49.21 30.11 -6.50
CA ALA D 477 -48.25 29.08 -6.88
C ALA D 477 -47.07 28.98 -5.93
N GLU D 478 -47.16 29.55 -4.73
CA GLU D 478 -46.04 29.53 -3.81
C GLU D 478 -45.82 28.13 -3.22
N TYR D 479 -46.91 27.44 -2.87
CA TYR D 479 -46.79 26.14 -2.22
C TYR D 479 -46.22 25.09 -3.17
N PHE D 480 -46.46 25.26 -4.46
CA PHE D 480 -45.98 24.29 -5.45
C PHE D 480 -44.45 24.23 -5.44
N LEU D 481 -43.80 25.39 -5.32
CA LEU D 481 -42.35 25.40 -5.19
C LEU D 481 -41.92 25.00 -3.78
N VAL D 482 -42.77 25.25 -2.78
CA VAL D 482 -42.45 24.85 -1.42
C VAL D 482 -42.29 23.33 -1.33
N LEU D 483 -43.16 22.59 -2.02
CA LEU D 483 -43.04 21.13 -1.99
C LEU D 483 -41.77 20.66 -2.70
N ALA D 484 -41.43 21.28 -3.83
CA ALA D 484 -40.24 20.89 -4.56
C ALA D 484 -38.97 21.16 -3.74
N VAL D 485 -38.95 22.27 -3.00
CA VAL D 485 -37.81 22.53 -2.13
C VAL D 485 -37.80 21.63 -0.90
N LEU D 486 -38.98 21.28 -0.38
CA LEU D 486 -39.03 20.39 0.78
C LEU D 486 -38.53 18.99 0.41
N ASN D 487 -38.75 18.56 -0.83
CA ASN D 487 -38.22 17.29 -1.27
C ASN D 487 -36.70 17.27 -1.20
N SER D 488 -36.06 18.35 -1.64
CA SER D 488 -34.60 18.43 -1.61
C SER D 488 -34.09 18.43 -0.18
N GLY D 489 -34.86 19.01 0.75
CA GLY D 489 -34.45 19.02 2.14
C GLY D 489 -34.64 17.68 2.82
N THR D 490 -35.66 16.93 2.41
CA THR D 490 -35.92 15.62 3.00
C THR D 490 -35.11 14.51 2.36
N ASN D 491 -34.49 14.75 1.20
CA ASN D 491 -33.63 13.74 0.60
C ASN D 491 -32.50 13.26 1.51
N PRO D 492 -31.77 14.12 2.23
CA PRO D 492 -30.72 13.59 3.11
C PRO D 492 -31.23 12.66 4.20
N ILE D 493 -32.46 12.89 4.69
CA ILE D 493 -33.04 11.98 5.68
C ILE D 493 -33.09 10.56 5.11
N ILE D 494 -33.55 10.43 3.86
CA ILE D 494 -33.65 9.12 3.24
C ILE D 494 -32.27 8.55 2.95
N TYR D 495 -31.36 9.38 2.44
CA TYR D 495 -30.04 8.91 2.06
C TYR D 495 -29.11 8.67 3.25
N THR D 496 -29.54 9.02 4.46
CA THR D 496 -28.79 8.72 5.68
C THR D 496 -29.43 7.63 6.53
N LEU D 497 -30.76 7.61 6.64
CA LEU D 497 -31.42 6.60 7.47
C LEU D 497 -31.42 5.24 6.78
N THR D 498 -31.11 5.20 5.48
CA THR D 498 -31.14 3.94 4.76
C THR D 498 -29.98 3.04 5.14
N ASN D 499 -28.76 3.56 5.12
CA ASN D 499 -27.56 2.78 5.40
C ASN D 499 -27.24 2.83 6.89
N LYS D 500 -26.78 1.70 7.43
CA LYS D 500 -26.51 1.61 8.86
C LYS D 500 -25.22 2.33 9.23
N GLU D 501 -24.24 2.32 8.32
CA GLU D 501 -22.95 2.92 8.62
C GLU D 501 -23.07 4.43 8.83
N MET D 502 -23.76 5.11 7.90
CA MET D 502 -23.90 6.56 8.00
C MET D 502 -24.73 6.94 9.23
N ARG D 503 -25.73 6.14 9.57
CA ARG D 503 -26.54 6.43 10.76
C ARG D 503 -25.70 6.33 12.02
N ARG D 504 -24.87 5.28 12.13
CA ARG D 504 -24.00 5.14 13.30
C ARG D 504 -22.97 6.26 13.35
N ALA D 505 -22.44 6.66 12.19
CA ALA D 505 -21.48 7.75 12.15
C ALA D 505 -22.12 9.06 12.59
N PHE D 506 -23.37 9.29 12.20
CA PHE D 506 -24.08 10.50 12.63
C PHE D 506 -24.38 10.44 14.12
N ILE D 507 -24.71 9.27 14.64
CA ILE D 507 -24.97 9.12 16.06
C ILE D 507 -23.69 9.39 16.86
N ARG D 508 -22.55 8.94 16.35
CA ARG D 508 -21.29 9.21 17.05
C ARG D 508 -21.00 10.70 17.13
N ILE D 509 -21.34 11.45 16.08
CA ILE D 509 -21.08 12.88 16.07
C ILE D 509 -22.16 13.63 16.84
N VAL E 2 25.53 -12.44 -21.63
CA VAL E 2 25.39 -11.17 -22.33
C VAL E 2 26.11 -11.22 -23.68
N GLN E 3 25.38 -10.91 -24.74
CA GLN E 3 25.93 -10.94 -26.08
C GLN E 3 25.10 -10.03 -26.97
N LEU E 4 25.79 -9.26 -27.81
CA LEU E 4 25.13 -8.34 -28.75
C LEU E 4 25.83 -8.48 -30.10
N VAL E 5 25.14 -9.07 -31.07
CA VAL E 5 25.65 -9.21 -32.43
C VAL E 5 24.76 -8.41 -33.37
N GLU E 6 25.37 -7.85 -34.41
CA GLU E 6 24.69 -6.98 -35.35
C GLU E 6 24.86 -7.50 -36.77
N SER E 7 23.89 -7.16 -37.63
CA SER E 7 23.93 -7.57 -39.01
C SER E 7 23.15 -6.57 -39.85
N GLY E 8 23.37 -6.62 -41.16
CA GLY E 8 22.70 -5.71 -42.07
C GLY E 8 23.61 -4.63 -42.61
N GLY E 9 24.86 -4.97 -42.87
CA GLY E 9 25.82 -4.02 -43.40
C GLY E 9 26.52 -4.56 -44.63
N GLY E 10 26.98 -3.64 -45.46
CA GLY E 10 27.68 -4.02 -46.68
C GLY E 10 27.95 -2.83 -47.56
N LEU E 11 27.93 -3.09 -48.87
CA LEU E 11 28.16 -2.05 -49.88
C LEU E 11 26.83 -1.65 -50.48
N VAL E 12 26.43 -0.40 -50.25
CA VAL E 12 25.16 0.12 -50.74
C VAL E 12 25.42 1.43 -51.47
N GLN E 13 24.47 1.78 -52.36
CA GLN E 13 24.51 3.00 -53.15
C GLN E 13 23.74 4.13 -52.44
N PRO E 14 24.13 5.38 -52.66
CA PRO E 14 23.42 6.49 -52.02
C PRO E 14 21.99 6.59 -52.51
N GLY E 15 21.07 6.90 -51.60
CA GLY E 15 19.67 7.01 -51.92
C GLY E 15 18.83 5.96 -51.22
N GLY E 16 19.34 4.74 -51.14
CA GLY E 16 18.63 3.67 -50.47
C GLY E 16 19.61 2.66 -49.92
N SER E 17 19.22 2.04 -48.80
CA SER E 17 20.08 1.07 -48.13
C SER E 17 19.21 0.03 -47.45
N ARG E 18 19.86 -0.88 -46.74
CA ARG E 18 19.19 -1.93 -46.01
C ARG E 18 18.85 -1.45 -44.59
N LYS E 19 18.41 -2.37 -43.74
CA LYS E 19 18.06 -2.07 -42.37
C LYS E 19 19.10 -2.66 -41.42
N LEU E 20 19.54 -1.87 -40.45
CA LEU E 20 20.51 -2.31 -39.46
C LEU E 20 19.76 -2.94 -38.29
N SER E 21 19.99 -4.23 -38.06
CA SER E 21 19.30 -4.98 -37.03
C SER E 21 20.31 -5.73 -36.17
N CYS E 22 20.06 -5.74 -34.86
CA CYS E 22 20.89 -6.46 -33.91
C CYS E 22 20.01 -7.27 -32.98
N SER E 23 20.54 -8.40 -32.51
CA SER E 23 19.82 -9.31 -31.63
C SER E 23 20.44 -9.29 -30.24
N ALA E 24 19.59 -9.24 -29.22
CA ALA E 24 20.01 -9.23 -27.83
C ALA E 24 19.64 -10.54 -27.18
N SER E 25 20.57 -11.13 -26.43
CA SER E 25 20.33 -12.40 -25.76
C SER E 25 21.28 -12.53 -24.59
N GLY E 26 20.74 -12.65 -23.38
CA GLY E 26 21.56 -12.83 -22.20
C GLY E 26 21.21 -11.89 -21.06
N PHE E 27 20.20 -11.06 -21.25
CA PHE E 27 19.79 -10.11 -20.22
C PHE E 27 18.33 -9.73 -20.46
N ALA E 28 17.81 -8.89 -19.59
CA ALA E 28 16.43 -8.40 -19.68
C ALA E 28 16.41 -7.21 -20.64
N PHE E 29 16.16 -7.49 -21.92
CA PHE E 29 16.13 -6.44 -22.93
C PHE E 29 14.91 -5.54 -22.78
N SER E 30 13.85 -6.01 -22.13
CA SER E 30 12.62 -5.25 -22.03
C SER E 30 12.72 -4.08 -21.04
N SER E 31 13.82 -3.96 -20.30
CA SER E 31 13.97 -2.89 -19.31
C SER E 31 15.27 -2.13 -19.49
N PHE E 32 15.84 -2.14 -20.69
CA PHE E 32 17.09 -1.43 -21.00
C PHE E 32 16.85 -0.42 -22.10
N GLY E 33 17.35 0.80 -21.90
CA GLY E 33 17.38 1.78 -22.97
C GLY E 33 18.56 1.55 -23.88
N MET E 34 18.31 1.63 -25.18
CA MET E 34 19.31 1.30 -26.19
C MET E 34 19.78 2.56 -26.90
N HIS E 35 21.08 2.61 -27.18
CA HIS E 35 21.70 3.71 -27.90
C HIS E 35 22.28 3.19 -29.21
N TRP E 36 22.79 4.12 -30.01
CA TRP E 36 23.52 3.80 -31.23
C TRP E 36 24.69 4.77 -31.35
N VAL E 37 25.89 4.23 -31.55
CA VAL E 37 27.11 5.03 -31.62
C VAL E 37 27.79 4.72 -32.93
N ARG E 38 28.00 5.76 -33.75
CA ARG E 38 28.69 5.61 -35.02
C ARG E 38 30.16 5.97 -34.87
N GLN E 39 31.03 5.11 -35.40
CA GLN E 39 32.48 5.31 -35.31
C GLN E 39 33.02 5.42 -36.73
N ALA E 40 33.38 6.64 -37.12
CA ALA E 40 33.93 6.86 -38.45
C ALA E 40 35.30 6.18 -38.59
N PRO E 41 35.66 5.77 -39.79
CA PRO E 41 36.97 5.13 -39.98
C PRO E 41 38.11 6.10 -39.69
N GLU E 42 39.10 5.63 -38.93
CA GLU E 42 40.23 6.42 -38.43
C GLU E 42 39.81 7.85 -38.07
N LYS E 43 38.77 7.93 -37.25
CA LYS E 43 38.27 9.22 -36.78
C LYS E 43 37.59 9.00 -35.42
N GLY E 44 36.88 10.02 -34.95
CA GLY E 44 36.19 9.94 -33.69
C GLY E 44 34.79 9.38 -33.82
N LEU E 45 34.25 8.93 -32.70
CA LEU E 45 32.91 8.36 -32.64
C LEU E 45 31.92 9.36 -32.04
N GLU E 46 30.69 9.29 -32.53
CA GLU E 46 29.65 10.24 -32.12
C GLU E 46 28.33 9.50 -31.91
N TRP E 47 27.40 10.18 -31.26
CA TRP E 47 26.11 9.61 -30.91
C TRP E 47 25.14 9.72 -32.08
N VAL E 48 24.17 8.80 -32.14
CA VAL E 48 23.23 8.74 -33.24
C VAL E 48 21.79 8.87 -32.75
N ALA E 49 21.36 7.94 -31.91
CA ALA E 49 19.97 7.93 -31.46
C ALA E 49 19.88 7.16 -30.14
N TYR E 50 18.69 7.20 -29.54
CA TYR E 50 18.44 6.52 -28.27
C TYR E 50 16.95 6.28 -28.13
N ILE E 51 16.60 5.13 -27.54
CA ILE E 51 15.22 4.77 -27.26
C ILE E 51 15.09 4.45 -25.79
N SER E 52 14.07 5.00 -25.13
CA SER E 52 13.86 4.72 -23.72
C SER E 52 13.25 3.32 -23.56
N SER E 53 13.13 2.90 -22.29
CA SER E 53 12.54 1.61 -21.98
C SER E 53 11.06 1.61 -22.33
N GLY E 54 10.65 0.67 -23.19
CA GLY E 54 9.28 0.62 -23.63
C GLY E 54 8.93 1.55 -24.75
N SER E 55 9.92 2.10 -25.46
CA SER E 55 9.69 3.02 -26.58
C SER E 55 8.89 4.25 -26.15
N GLY E 56 9.17 4.74 -24.94
CA GLY E 56 8.45 5.91 -24.46
C GLY E 56 8.94 7.19 -25.10
N THR E 57 10.24 7.46 -25.00
CA THR E 57 10.84 8.67 -25.57
C THR E 57 11.90 8.27 -26.56
N ILE E 58 11.81 8.81 -27.78
CA ILE E 58 12.77 8.54 -28.85
C ILE E 58 13.36 9.88 -29.30
N TYR E 59 14.69 9.94 -29.36
CA TYR E 59 15.38 11.14 -29.79
C TYR E 59 16.45 10.77 -30.81
N TYR E 60 16.88 11.78 -31.58
CA TYR E 60 17.89 11.61 -32.61
C TYR E 60 18.94 12.69 -32.46
N ALA E 61 20.03 12.53 -33.21
CA ALA E 61 21.07 13.54 -33.25
C ALA E 61 20.68 14.67 -34.19
N ASP E 62 21.32 15.83 -34.01
CA ASP E 62 21.01 16.99 -34.83
C ASP E 62 21.46 16.82 -36.28
N THR E 63 22.42 15.92 -36.53
CA THR E 63 22.90 15.73 -37.90
C THR E 63 21.95 14.84 -38.72
N VAL E 64 21.33 13.86 -38.08
CA VAL E 64 20.45 12.92 -38.78
C VAL E 64 19.01 13.09 -38.29
N LYS E 65 18.69 14.27 -37.78
CA LYS E 65 17.35 14.53 -37.27
C LYS E 65 16.33 14.42 -38.39
N GLY E 66 15.33 13.57 -38.20
CA GLY E 66 14.29 13.38 -39.19
C GLY E 66 14.70 12.59 -40.41
N ARG E 67 15.88 11.98 -40.40
CA ARG E 67 16.35 11.18 -41.53
C ARG E 67 16.48 9.70 -41.22
N PHE E 68 16.41 9.30 -39.96
CA PHE E 68 16.51 7.91 -39.56
C PHE E 68 15.21 7.44 -38.93
N THR E 69 14.99 6.12 -38.99
CA THR E 69 13.82 5.49 -38.39
C THR E 69 14.30 4.36 -37.49
N ILE E 70 13.89 4.38 -36.23
CA ILE E 70 14.36 3.43 -35.24
C ILE E 70 13.18 2.91 -34.44
N SER E 71 13.30 1.67 -33.98
CA SER E 71 12.22 1.03 -33.24
C SER E 71 12.76 -0.21 -32.53
N ARG E 72 12.05 -0.64 -31.49
CA ARG E 72 12.41 -1.79 -30.69
C ARG E 72 11.49 -2.96 -31.01
N ASP E 73 11.81 -4.12 -30.43
CA ASP E 73 10.96 -5.30 -30.52
C ASP E 73 11.20 -6.14 -29.27
N ASP E 74 10.27 -6.06 -28.33
CA ASP E 74 10.38 -6.79 -27.06
C ASP E 74 10.22 -8.30 -27.20
N PRO E 75 9.24 -8.81 -27.98
CA PRO E 75 9.06 -10.28 -28.01
C PRO E 75 10.28 -11.05 -28.48
N LYS E 76 10.98 -10.58 -29.53
CA LYS E 76 12.12 -11.30 -30.06
C LYS E 76 13.45 -10.68 -29.67
N ASN E 77 13.45 -9.60 -28.90
CA ASN E 77 14.67 -8.95 -28.42
C ASN E 77 15.58 -8.55 -29.58
N THR E 78 15.03 -7.74 -30.49
CA THR E 78 15.76 -7.29 -31.66
C THR E 78 15.53 -5.79 -31.86
N LEU E 79 16.61 -5.07 -32.13
CA LEU E 79 16.56 -3.62 -32.35
C LEU E 79 16.80 -3.33 -33.82
N PHE E 80 15.94 -2.50 -34.40
CA PHE E 80 16.01 -2.15 -35.81
C PHE E 80 16.37 -0.68 -35.98
N LEU E 81 17.14 -0.38 -37.03
CA LEU E 81 17.47 0.98 -37.42
C LEU E 81 17.40 1.08 -38.93
N GLN E 82 16.65 2.06 -39.43
CA GLN E 82 16.37 2.20 -40.85
C GLN E 82 16.96 3.49 -41.39
N MET E 83 17.58 3.41 -42.56
CA MET E 83 18.12 4.57 -43.26
C MET E 83 17.15 5.01 -44.36
N THR E 84 16.92 6.32 -44.44
CA THR E 84 16.09 6.90 -45.50
C THR E 84 16.91 7.50 -46.62
N SER E 85 17.83 8.42 -46.29
CA SER E 85 18.72 9.03 -47.26
C SER E 85 20.16 8.79 -46.86
N LEU E 86 21.03 8.66 -47.85
CA LEU E 86 22.43 8.36 -47.62
C LEU E 86 23.31 9.49 -48.12
N ARG E 87 24.43 9.68 -47.45
CA ARG E 87 25.44 10.67 -47.81
C ARG E 87 26.78 9.99 -48.01
N SER E 88 27.80 10.79 -48.32
CA SER E 88 29.15 10.26 -48.54
C SER E 88 29.94 10.11 -47.25
N GLU E 89 29.40 10.57 -46.12
CA GLU E 89 30.08 10.49 -44.83
C GLU E 89 29.48 9.43 -43.91
N ASP E 90 28.35 8.83 -44.27
CA ASP E 90 27.72 7.82 -43.44
C ASP E 90 28.51 6.52 -43.37
N THR E 91 29.50 6.34 -44.24
CA THR E 91 30.34 5.14 -44.21
C THR E 91 31.13 5.12 -42.91
N ALA E 92 30.81 4.17 -42.03
CA ALA E 92 31.44 4.08 -40.72
C ALA E 92 31.08 2.73 -40.12
N MET E 93 31.48 2.54 -38.86
CA MET E 93 31.18 1.34 -38.10
C MET E 93 30.16 1.68 -37.02
N TYR E 94 29.02 1.00 -37.06
CA TYR E 94 27.91 1.29 -36.15
C TYR E 94 27.95 0.33 -34.96
N TYR E 95 27.60 0.85 -33.78
CA TYR E 95 27.57 0.09 -32.55
C TYR E 95 26.23 0.27 -31.87
N CYS E 96 25.73 -0.81 -31.27
CA CYS E 96 24.49 -0.79 -30.51
C CYS E 96 24.81 -1.14 -29.06
N VAL E 97 24.59 -0.19 -28.15
CA VAL E 97 24.96 -0.35 -26.76
C VAL E 97 23.74 -0.10 -25.88
N ARG E 98 23.58 -0.94 -24.86
CA ARG E 98 22.46 -0.86 -23.93
C ARG E 98 22.80 0.11 -22.79
N SER E 99 21.76 0.51 -22.05
CA SER E 99 21.93 1.40 -20.91
C SER E 99 20.66 1.40 -20.08
N ILE E 100 20.84 1.43 -18.75
CA ILE E 100 19.73 1.50 -17.81
C ILE E 100 19.99 2.66 -16.86
N TYR E 101 18.93 3.40 -16.53
CA TYR E 101 19.05 4.63 -15.73
C TYR E 101 18.21 4.49 -14.47
N TYR E 102 18.88 4.29 -13.34
CA TYR E 102 18.26 4.37 -12.03
C TYR E 102 19.34 4.78 -11.03
N TYR E 103 18.94 5.00 -9.78
CA TYR E 103 19.88 5.46 -8.77
C TYR E 103 20.96 4.43 -8.52
N GLY E 104 22.21 4.79 -8.83
CA GLY E 104 23.33 3.91 -8.64
C GLY E 104 23.66 3.03 -9.82
N SER E 105 23.04 3.25 -10.98
CA SER E 105 23.29 2.42 -12.14
C SER E 105 24.53 2.89 -12.88
N SER E 106 25.00 2.05 -13.80
CA SER E 106 26.16 2.35 -14.64
C SER E 106 25.75 2.25 -16.10
N PRO E 107 25.40 3.36 -16.75
CA PRO E 107 24.92 3.28 -18.13
C PRO E 107 26.01 2.86 -19.10
N PHE E 108 25.57 2.15 -20.15
CA PHE E 108 26.43 1.60 -21.20
C PHE E 108 27.72 0.99 -20.65
N ASP E 109 27.55 -0.04 -19.83
CA ASP E 109 28.70 -0.80 -19.34
C ASP E 109 29.18 -1.82 -20.36
N PHE E 110 28.27 -2.37 -21.15
CA PHE E 110 28.60 -3.38 -22.17
C PHE E 110 28.18 -2.84 -23.53
N TRP E 111 29.13 -2.76 -24.45
CA TRP E 111 28.88 -2.20 -25.78
C TRP E 111 28.49 -3.26 -26.80
N GLY E 112 29.36 -4.23 -27.03
CA GLY E 112 29.08 -5.27 -28.00
C GLY E 112 30.21 -5.51 -28.97
N GLN E 113 29.88 -5.75 -30.24
CA GLN E 113 30.89 -5.98 -31.27
C GLN E 113 30.87 -4.93 -32.36
N GLY E 114 29.71 -4.67 -32.95
CA GLY E 114 29.58 -3.66 -33.98
C GLY E 114 29.71 -4.25 -35.38
N THR E 115 29.14 -3.53 -36.34
CA THR E 115 29.17 -3.93 -37.74
C THR E 115 29.66 -2.76 -38.59
N THR E 116 30.18 -3.11 -39.77
CA THR E 116 30.72 -2.12 -40.69
C THR E 116 29.71 -1.74 -41.76
N LEU E 117 29.93 -0.58 -42.37
CA LEU E 117 29.06 -0.08 -43.42
C LEU E 117 29.85 0.88 -44.29
N THR E 118 29.85 0.63 -45.60
CA THR E 118 30.58 1.47 -46.56
C THR E 118 29.61 2.04 -47.59
N VAL E 119 29.95 3.21 -48.10
CA VAL E 119 29.16 3.90 -49.12
C VAL E 119 30.08 4.27 -50.28
N SER E 120 29.70 3.86 -51.48
CA SER E 120 30.48 4.14 -52.67
C SER E 120 30.07 5.48 -53.26
N SER E 121 31.06 6.32 -53.56
CA SER E 121 30.80 7.64 -54.13
C SER E 121 31.30 7.72 -55.57
N SER E 136 25.76 26.34 -28.07
CA SER E 136 24.69 25.36 -28.24
C SER E 136 25.07 24.02 -27.62
N ASP E 137 25.53 23.08 -28.44
CA ASP E 137 25.92 21.77 -27.95
C ASP E 137 27.26 21.86 -27.23
N ILE E 138 27.41 21.01 -26.21
CA ILE E 138 28.65 20.99 -25.43
C ILE E 138 29.76 20.41 -26.28
N VAL E 139 30.88 21.13 -26.35
CA VAL E 139 32.05 20.71 -27.12
C VAL E 139 33.08 20.14 -26.16
N MET E 140 33.41 18.87 -26.35
CA MET E 140 34.40 18.18 -25.52
C MET E 140 35.68 18.00 -26.33
N THR E 141 36.80 18.45 -25.77
CA THR E 141 38.09 18.37 -26.44
C THR E 141 39.09 17.67 -25.53
N GLN E 142 40.07 17.01 -26.16
CA GLN E 142 41.12 16.31 -25.43
C GLN E 142 42.35 17.20 -25.31
N ALA E 143 43.22 16.84 -24.36
CA ALA E 143 44.45 17.59 -24.16
C ALA E 143 45.41 17.40 -25.34
N THR E 144 45.80 16.15 -25.60
CA THR E 144 46.68 15.85 -26.73
C THR E 144 46.04 14.80 -27.63
N SER E 145 46.79 14.30 -28.60
CA SER E 145 46.31 13.28 -29.53
C SER E 145 47.05 11.95 -29.37
N SER E 146 48.37 11.98 -29.27
CA SER E 146 49.16 10.77 -29.11
C SER E 146 50.43 11.11 -28.34
N VAL E 147 50.79 10.27 -27.38
CA VAL E 147 51.98 10.48 -26.56
C VAL E 147 52.70 9.15 -26.37
N PRO E 148 54.01 9.11 -26.58
CA PRO E 148 54.77 7.87 -26.34
C PRO E 148 54.95 7.64 -24.84
N VAL E 149 54.77 6.39 -24.41
CA VAL E 149 54.84 6.02 -23.01
C VAL E 149 55.52 4.66 -22.90
N THR E 150 56.31 4.48 -21.83
CA THR E 150 57.02 3.27 -21.47
C THR E 150 56.19 2.43 -20.50
N PRO E 151 56.30 1.10 -20.56
CA PRO E 151 55.55 0.26 -19.62
C PRO E 151 55.92 0.56 -18.18
N GLY E 152 54.92 0.58 -17.31
CA GLY E 152 55.13 0.88 -15.91
C GLY E 152 55.41 2.34 -15.65
N GLU E 153 54.54 3.22 -16.14
CA GLU E 153 54.69 4.65 -15.98
C GLU E 153 53.31 5.27 -15.79
N SER E 154 53.19 6.13 -14.77
CA SER E 154 51.90 6.73 -14.45
C SER E 154 51.59 7.87 -15.43
N VAL E 155 50.50 7.71 -16.18
CA VAL E 155 50.10 8.67 -17.21
C VAL E 155 48.78 9.31 -16.78
N SER E 156 48.64 10.60 -17.07
CA SER E 156 47.43 11.36 -16.76
C SER E 156 46.84 11.89 -18.05
N ILE E 157 45.63 11.45 -18.37
CA ILE E 157 44.91 11.85 -19.58
C ILE E 157 43.85 12.87 -19.17
N SER E 158 43.90 14.06 -19.76
CA SER E 158 43.02 15.17 -19.42
C SER E 158 42.07 15.45 -20.56
N CYS E 159 40.80 15.70 -20.21
CA CYS E 159 39.77 16.07 -21.17
C CYS E 159 39.05 17.31 -20.65
N ARG E 160 39.06 18.37 -21.44
CA ARG E 160 38.46 19.65 -21.04
C ARG E 160 37.07 19.79 -21.62
N SER E 161 36.15 20.36 -20.83
CA SER E 161 34.77 20.56 -21.23
C SER E 161 34.51 22.04 -21.44
N SER E 162 33.52 22.33 -22.28
CA SER E 162 33.13 23.71 -22.57
C SER E 162 32.02 24.22 -21.66
N LYS E 163 31.59 23.42 -20.70
CA LYS E 163 30.52 23.81 -19.79
C LYS E 163 30.67 23.04 -18.49
N SER E 164 30.33 23.68 -17.38
CA SER E 164 30.41 23.03 -16.08
C SER E 164 29.41 21.87 -16.00
N LEU E 165 29.93 20.65 -15.96
CA LEU E 165 29.09 19.46 -15.91
C LEU E 165 28.57 19.15 -14.51
N LEU E 166 28.94 19.95 -13.51
CA LEU E 166 28.42 19.74 -12.16
C LEU E 166 26.99 20.21 -12.07
N HIS E 167 26.09 19.32 -11.71
CA HIS E 167 24.67 19.64 -11.60
C HIS E 167 24.32 20.03 -10.17
N SER E 168 23.12 20.57 -9.99
CA SER E 168 22.65 20.97 -8.67
C SER E 168 22.47 19.78 -7.74
N ASN E 169 22.34 18.57 -8.29
CA ASN E 169 22.23 17.39 -7.43
C ASN E 169 23.51 17.15 -6.65
N GLY E 170 24.65 17.26 -7.29
CA GLY E 170 25.93 17.07 -6.63
C GLY E 170 26.85 16.12 -7.34
N ASN E 171 26.35 15.47 -8.39
CA ASN E 171 27.12 14.50 -9.16
C ASN E 171 27.27 15.00 -10.59
N THR E 172 28.46 14.78 -11.16
CA THR E 172 28.73 15.16 -12.54
C THR E 172 28.16 14.10 -13.48
N TYR E 173 28.36 14.33 -14.79
CA TYR E 173 27.87 13.40 -15.81
C TYR E 173 28.92 13.20 -16.88
N LEU E 174 30.17 13.02 -16.49
CA LEU E 174 31.26 12.77 -17.42
C LEU E 174 31.63 11.29 -17.36
N TYR E 175 31.31 10.56 -18.42
CA TYR E 175 31.64 9.15 -18.53
C TYR E 175 32.97 8.99 -19.24
N TRP E 176 33.63 7.86 -18.99
CA TRP E 176 34.96 7.58 -19.53
C TRP E 176 35.01 6.13 -19.96
N PHE E 177 35.56 5.88 -21.15
CA PHE E 177 35.69 4.52 -21.64
C PHE E 177 36.92 4.40 -22.53
N LEU E 178 37.53 3.23 -22.50
CA LEU E 178 38.75 2.93 -23.25
C LEU E 178 38.43 2.09 -24.47
N GLN E 179 39.01 2.48 -25.61
CA GLN E 179 38.82 1.77 -26.87
C GLN E 179 40.00 0.84 -27.12
N ARG E 180 39.74 -0.45 -27.18
CA ARG E 180 40.79 -1.41 -27.50
C ARG E 180 40.92 -1.56 -29.01
N PRO E 181 42.14 -1.55 -29.55
CA PRO E 181 42.29 -1.68 -31.01
C PRO E 181 41.88 -3.05 -31.52
N GLY E 182 40.78 -3.11 -32.27
CA GLY E 182 40.28 -4.35 -32.82
C GLY E 182 38.90 -4.75 -32.33
N GLN E 183 38.37 -4.12 -31.29
CA GLN E 183 37.05 -4.47 -30.77
C GLN E 183 36.38 -3.22 -30.23
N SER E 184 35.20 -3.41 -29.64
CA SER E 184 34.42 -2.31 -29.10
C SER E 184 35.01 -1.81 -27.79
N PRO E 185 34.76 -0.55 -27.45
CA PRO E 185 35.29 0.00 -26.20
C PRO E 185 34.54 -0.55 -24.99
N GLN E 186 35.11 -0.28 -23.81
CA GLN E 186 34.53 -0.71 -22.55
C GLN E 186 34.61 0.42 -21.54
N LEU E 187 33.57 0.55 -20.72
CA LEU E 187 33.51 1.64 -19.75
C LEU E 187 34.47 1.38 -18.58
N LEU E 188 35.03 2.47 -18.06
CA LEU E 188 35.92 2.42 -16.92
C LEU E 188 35.33 3.10 -15.70
N ILE E 189 34.97 4.37 -15.81
CA ILE E 189 34.32 5.12 -14.74
C ILE E 189 33.13 5.85 -15.35
N TYR E 190 32.04 5.98 -14.58
CA TYR E 190 30.82 6.51 -15.18
C TYR E 190 30.49 7.95 -14.76
N ARG E 191 30.75 8.36 -13.52
CA ARG E 191 30.46 9.74 -13.15
C ARG E 191 31.71 10.55 -12.81
N MET E 192 32.43 10.18 -11.75
CA MET E 192 33.71 10.83 -11.46
C MET E 192 34.86 9.83 -11.35
N SER E 193 34.75 8.85 -10.45
CA SER E 193 35.81 7.88 -10.25
C SER E 193 35.31 6.45 -10.05
N ASN E 194 34.01 6.24 -9.92
CA ASN E 194 33.49 4.91 -9.60
C ASN E 194 33.82 3.92 -10.70
N LEU E 195 34.72 2.99 -10.40
CA LEU E 195 35.15 2.01 -11.39
C LEU E 195 34.01 1.04 -11.71
N ALA E 196 33.92 0.66 -12.98
CA ALA E 196 32.91 -0.30 -13.40
C ALA E 196 33.28 -1.71 -12.92
N SER E 197 32.35 -2.63 -13.12
CA SER E 197 32.56 -4.01 -12.71
C SER E 197 33.43 -4.74 -13.74
N GLY E 198 34.60 -5.21 -13.30
CA GLY E 198 35.51 -5.93 -14.15
C GLY E 198 36.80 -5.22 -14.45
N VAL E 199 36.86 -3.91 -14.25
CA VAL E 199 38.07 -3.14 -14.52
C VAL E 199 38.99 -3.21 -13.30
N PRO E 200 40.30 -3.11 -13.48
CA PRO E 200 41.21 -3.18 -12.32
C PRO E 200 41.16 -1.90 -11.49
N ASP E 201 41.83 -1.95 -10.34
CA ASP E 201 41.88 -0.82 -9.43
C ASP E 201 42.92 0.21 -9.83
N ARG E 202 43.71 -0.06 -10.88
CA ARG E 202 44.76 0.88 -11.29
C ARG E 202 44.16 2.16 -11.84
N PHE E 203 43.03 2.07 -12.52
CA PHE E 203 42.39 3.26 -13.08
C PHE E 203 41.77 4.10 -11.98
N SER E 204 41.86 5.42 -12.13
CA SER E 204 41.30 6.35 -11.17
C SER E 204 40.84 7.61 -11.90
N GLY E 205 39.83 8.27 -11.34
CA GLY E 205 39.28 9.46 -11.95
C GLY E 205 39.16 10.60 -10.96
N SER E 206 39.21 11.82 -11.50
CA SER E 206 39.10 13.02 -10.68
C SER E 206 38.71 14.18 -11.58
N GLY E 207 38.19 15.24 -10.96
CA GLY E 207 37.77 16.40 -11.70
C GLY E 207 37.33 17.50 -10.76
N SER E 208 36.94 18.63 -11.35
CA SER E 208 36.52 19.79 -10.58
C SER E 208 35.18 20.31 -11.09
N GLY E 209 34.87 20.05 -12.35
CA GLY E 209 33.63 20.53 -12.94
C GLY E 209 33.82 21.04 -14.36
N THR E 210 35.01 21.56 -14.66
CA THR E 210 35.36 22.02 -15.99
C THR E 210 36.54 21.27 -16.58
N ALA E 211 37.62 21.09 -15.81
CA ALA E 211 38.78 20.33 -16.24
C ALA E 211 38.80 18.99 -15.53
N PHE E 212 38.97 17.92 -16.30
CA PHE E 212 38.94 16.57 -15.77
C PHE E 212 40.23 15.84 -16.14
N THR E 213 40.62 14.88 -15.30
CA THR E 213 41.83 14.11 -15.50
C THR E 213 41.57 12.65 -15.11
N LEU E 214 42.38 11.75 -15.66
CA LEU E 214 42.35 10.33 -15.32
C LEU E 214 43.77 9.84 -15.11
N THR E 215 44.03 9.29 -13.93
CA THR E 215 45.36 8.83 -13.55
C THR E 215 45.39 7.30 -13.51
N ILE E 216 46.47 6.73 -14.02
CA ILE E 216 46.69 5.28 -14.02
C ILE E 216 47.96 5.00 -13.21
N SER E 217 47.85 4.10 -12.25
CA SER E 217 48.98 3.81 -11.37
C SER E 217 50.04 2.97 -12.08
N ARG E 218 49.68 1.77 -12.51
CA ARG E 218 50.58 0.85 -13.19
C ARG E 218 50.11 0.66 -14.62
N LEU E 219 51.04 0.80 -15.57
CA LEU E 219 50.74 0.68 -16.98
C LEU E 219 51.41 -0.58 -17.53
N GLU E 220 50.60 -1.47 -18.11
CA GLU E 220 51.06 -2.73 -18.65
C GLU E 220 50.87 -2.75 -20.17
N ALA E 221 51.16 -3.89 -20.78
CA ALA E 221 50.97 -4.05 -22.21
C ALA E 221 49.55 -4.49 -22.57
N GLU E 222 48.71 -4.78 -21.59
CA GLU E 222 47.35 -5.24 -21.85
C GLU E 222 46.34 -4.10 -21.94
N ASP E 223 46.71 -2.90 -21.49
CA ASP E 223 45.80 -1.74 -21.50
C ASP E 223 46.43 -0.64 -22.35
N VAL E 224 46.18 -0.70 -23.65
CA VAL E 224 46.66 0.29 -24.61
C VAL E 224 45.60 0.49 -25.67
N GLY E 225 45.36 1.75 -26.05
CA GLY E 225 44.35 2.03 -27.05
C GLY E 225 44.09 3.52 -27.16
N VAL E 226 42.83 3.85 -27.40
CA VAL E 226 42.38 5.24 -27.54
C VAL E 226 41.39 5.53 -26.43
N TYR E 227 41.58 6.65 -25.74
CA TYR E 227 40.72 7.06 -24.64
C TYR E 227 39.75 8.13 -25.12
N TYR E 228 38.47 7.95 -24.78
CA TYR E 228 37.42 8.88 -25.17
C TYR E 228 36.70 9.38 -23.93
N CYS E 229 36.42 10.69 -23.90
CA CYS E 229 35.67 11.31 -22.83
C CYS E 229 34.30 11.74 -23.35
N MET E 230 33.26 11.45 -22.59
CA MET E 230 31.89 11.71 -23.01
C MET E 230 31.12 12.39 -21.88
N GLN E 231 30.31 13.37 -22.25
CA GLN E 231 29.43 14.05 -21.31
C GLN E 231 28.02 13.49 -21.41
N HIS E 232 27.22 13.74 -20.37
CA HIS E 232 25.83 13.32 -20.38
C HIS E 232 24.88 14.35 -19.75
N LEU E 233 25.38 15.52 -19.35
CA LEU E 233 24.49 16.53 -18.76
C LEU E 233 23.52 17.06 -19.80
N GLU E 234 24.04 17.70 -20.84
CA GLU E 234 23.22 18.12 -21.96
C GLU E 234 22.90 16.91 -22.83
N TYR E 235 21.64 16.81 -23.26
CA TYR E 235 21.20 15.62 -23.97
C TYR E 235 21.88 15.40 -25.33
N PRO E 236 22.31 16.43 -26.08
CA PRO E 236 23.10 16.14 -27.28
C PRO E 236 24.47 15.58 -26.95
N LEU E 237 24.52 14.27 -26.68
CA LEU E 237 25.76 13.58 -26.33
C LEU E 237 26.88 13.92 -27.31
N THR E 238 28.04 14.23 -26.78
CA THR E 238 29.21 14.57 -27.59
C THR E 238 30.44 13.91 -26.98
N PHE E 239 31.25 13.28 -27.83
CA PHE E 239 32.48 12.64 -27.39
C PHE E 239 33.68 13.54 -27.68
N GLY E 240 34.86 13.05 -27.31
CA GLY E 240 36.10 13.76 -27.54
C GLY E 240 36.80 13.33 -28.82
N ALA E 241 37.92 13.99 -29.09
CA ALA E 241 38.69 13.67 -30.28
C ALA E 241 39.36 12.30 -30.15
N GLY E 242 39.82 11.96 -28.94
CA GLY E 242 40.46 10.69 -28.71
C GLY E 242 41.96 10.79 -28.48
N THR E 243 42.42 10.27 -27.35
CA THR E 243 43.83 10.30 -26.99
C THR E 243 44.41 8.90 -27.18
N LYS E 244 45.35 8.78 -28.12
CA LYS E 244 45.97 7.49 -28.42
C LYS E 244 47.21 7.30 -27.57
N LEU E 245 47.42 6.06 -27.12
CA LEU E 245 48.59 5.69 -26.34
C LEU E 245 49.48 4.80 -27.20
N GLU E 246 50.75 5.18 -27.34
CA GLU E 246 51.72 4.44 -28.13
C GLU E 246 52.70 3.73 -27.21
N LEU E 247 52.89 2.43 -27.43
CA LEU E 247 53.79 1.63 -26.62
C LEU E 247 55.23 1.85 -27.04
C13 JER F . -43.73 28.50 -9.87
C15 JER F . -39.11 27.10 -10.81
C11 JER F . -41.32 27.82 -10.34
C10 JER F . -39.96 28.09 -10.38
C02 JER F . -44.00 33.48 -8.79
C03 JER F . -43.64 32.54 -7.61
C04 JER F . -42.38 31.72 -7.91
C06 JER F . -41.72 30.07 -9.56
C07 JER F . -40.35 30.35 -9.62
C08 JER F . -39.83 31.75 -9.22
C09 JER F . -39.46 29.36 -10.03
C12 JER F . -42.21 28.80 -9.92
C14 JER F . -44.39 28.67 -11.24
C18 JER F . -38.39 25.24 -11.59
C20 JER F . -38.32 23.97 -12.13
C21 JER F . -39.45 23.16 -12.23
C22 JER F . -39.34 21.90 -12.79
C24 JER F . -40.70 20.32 -11.69
C26 JER F . -37.08 22.18 -13.16
C27 JER F . -37.13 23.45 -12.61
C28 JER F . -35.74 21.62 -13.69
C29 JER F . -36.12 20.92 -14.78
C30 JER F . -34.93 19.91 -15.04
C31 JER F . -34.32 19.64 -13.59
C32 JER F . -34.84 20.59 -12.77
N16 JER F . -37.82 27.20 -10.85
N19 JER F . -39.47 25.92 -11.27
N25 JER F . -38.17 21.46 -13.22
O01 JER F . -44.84 34.51 -8.35
O05 JER F . -42.64 31.07 -9.15
O17 JER F . -37.35 26.03 -11.35
O23 JER F . -40.46 21.06 -12.89
O33 JER F . -43.38 33.34 -6.49
C1 PLM G . -18.37 1.49 -17.53
O1 PLM G . -17.40 1.58 -16.73
O2 PLM G . -18.94 0.46 -17.97
C2 PLM G . -18.94 2.88 -18.02
C3 PLM G . -20.00 2.80 -19.12
C4 PLM G . -20.71 4.13 -19.40
C5 PLM G . -21.40 4.73 -18.16
C6 PLM G . -22.36 5.88 -18.47
C7 PLM G . -21.67 7.15 -18.98
C8 PLM G . -22.63 8.17 -19.62
C9 PLM G . -23.87 8.45 -18.76
CA PLM G . -24.82 9.48 -19.39
CB PLM G . -24.17 10.85 -19.65
CC PLM G . -25.01 12.03 -19.16
CD PLM G . -25.23 12.06 -17.65
CE PLM G . -26.11 13.21 -17.16
CF PLM G . -26.25 13.28 -15.64
CG PLM G . -24.92 13.54 -14.91
C1 PLM H . -23.42 -0.72 -19.38
O1 PLM H . -22.78 -1.03 -18.33
O2 PLM H . -23.89 -1.49 -20.27
C2 PLM H . -23.65 0.81 -19.57
C3 PLM H . -24.74 1.45 -18.70
C4 PLM H . -24.63 2.97 -18.57
C5 PLM H . -25.91 3.64 -18.07
C6 PLM H . -27.11 3.45 -19.01
C7 PLM H . -28.25 4.45 -18.79
C8 PLM H . -27.87 5.90 -19.10
C9 PLM H . -29.05 6.87 -19.06
CA PLM H . -28.69 8.32 -19.42
CB PLM H . -29.91 9.24 -19.54
CC PLM H . -29.56 10.70 -19.89
CD PLM H . -30.79 11.59 -20.07
CE PLM H . -30.46 13.05 -20.43
CF PLM H . -31.69 13.92 -20.68
CG PLM H . -31.34 15.35 -21.12
C1 PLM I . -36.00 -6.55 -16.64
O1 PLM I . -36.98 -7.32 -16.88
O2 PLM I . -34.85 -6.85 -16.22
C2 PLM I . -36.30 -5.04 -16.90
C3 PLM I . -37.48 -4.44 -16.12
C4 PLM I . -37.89 -3.03 -16.57
C5 PLM I . -39.05 -2.43 -15.78
C6 PLM I . -39.65 -1.17 -16.41
C7 PLM I . -40.64 -0.41 -15.51
C8 PLM I . -41.20 0.87 -16.16
C9 PLM I . -42.06 1.72 -15.21
CA PLM I . -42.31 3.14 -15.73
CB PLM I . -43.21 3.99 -14.82
CC PLM I . -43.23 5.48 -15.20
CD PLM I . -44.36 6.27 -14.53
CE PLM I . -44.34 6.22 -13.00
CF PLM I . -45.51 6.97 -12.35
CG PLM I . -45.55 6.83 -10.82
C1 PLM J . -40.07 -7.28 -13.73
O1 PLM J . -39.36 -7.69 -14.69
O2 PLM J . -41.23 -7.64 -13.39
C2 PLM J . -39.39 -6.18 -12.85
C3 PLM J . -40.28 -5.52 -11.80
C4 PLM J . -39.55 -4.54 -10.87
C5 PLM J . -40.48 -3.79 -9.90
C6 PLM J . -39.75 -2.84 -8.94
C7 PLM J . -40.68 -1.95 -8.11
C8 PLM J . -41.50 -0.96 -8.93
C9 PLM J . -41.57 0.44 -8.32
CA PLM J . -42.64 1.36 -8.95
CB PLM J . -42.63 2.78 -8.38
CC PLM J . -44.01 3.46 -8.41
CD PLM J . -44.10 4.69 -7.49
CE PLM J . -45.52 5.26 -7.37
CF PLM J . -45.62 6.43 -6.37
CG PLM J . -47.04 7.00 -6.25
#